data_3ONJ
# 
_entry.id   3ONJ 
# 
_audit_conform.dict_name       mmcif_pdbx.dic 
_audit_conform.dict_version    5.380 
_audit_conform.dict_location   http://mmcif.pdb.org/dictionaries/ascii/mmcif_pdbx.dic 
# 
loop_
_database_2.database_id 
_database_2.database_code 
_database_2.pdbx_database_accession 
_database_2.pdbx_DOI 
PDB   3ONJ         pdb_00003onj 10.2210/pdb3onj/pdb 
RCSB  RCSB061339   ?            ?                   
WWPDB D_1000061339 ?            ?                   
# 
loop_
_pdbx_database_related.db_name 
_pdbx_database_related.db_id 
_pdbx_database_related.details 
_pdbx_database_related.content_type 
PDB 3ONK 'yeast Ent3_ENTH domain'                       unspecified 
PDB 3ONL 'yeast Ent3_ENTH-Vti1p_Habc complex structure' unspecified 
# 
_pdbx_database_status.entry_id                        3ONJ 
_pdbx_database_status.status_code                     REL 
_pdbx_database_status.deposit_site                    RCSB 
_pdbx_database_status.process_site                    PDBJ 
_pdbx_database_status.recvd_initial_deposition_date   2010-08-29 
_pdbx_database_status.status_code_sf                  REL 
_pdbx_database_status.status_code_mr                  ? 
_pdbx_database_status.SG_entry                        ? 
_pdbx_database_status.status_code_cs                  ? 
_pdbx_database_status.pdb_format_compatible           Y 
_pdbx_database_status.status_code_nmr_data            ? 
_pdbx_database_status.methods_development_category    ? 
# 
loop_
_audit_author.name 
_audit_author.pdbx_ordinal 
'Wang, J.' 1 
'Fang, P.' 2 
'Niu, L.'  3 
'Teng, M.' 4 
# 
_citation.id                        primary 
_citation.title                     'Epsin N-terminal homology domains bind on opposite sides of two SNAREs' 
_citation.journal_abbrev            Proc.Natl.Acad.Sci.USA 
_citation.journal_volume            108 
_citation.page_first                12277 
_citation.page_last                 12282 
_citation.year                      2011 
_citation.journal_id_ASTM           PNASA6 
_citation.country                   US 
_citation.journal_id_ISSN           0027-8424 
_citation.journal_id_CSD            0040 
_citation.book_publisher            ? 
_citation.pdbx_database_id_PubMed   21746902 
_citation.pdbx_database_id_DOI      10.1073/pnas.1013101108 
# 
loop_
_citation_author.citation_id 
_citation_author.name 
_citation_author.ordinal 
_citation_author.identifier_ORCID 
primary 'Wang, J.'          1 ? 
primary 'Gossing, M.'       2 ? 
primary 'Fang, P.'          3 ? 
primary 'Zimmermann, J.'    4 ? 
primary 'Li, X.'            5 ? 
primary 'von Mollard, G.F.' 6 ? 
primary 'Niu, L.'           7 ? 
primary 'Teng, M.'          8 ? 
# 
_cell.length_a           32.112 
_cell.length_b           49.751 
_cell.length_c           51.690 
_cell.angle_alpha        90.000 
_cell.angle_beta         90.000 
_cell.angle_gamma        90.000 
_cell.entry_id           3ONJ 
_cell.pdbx_unique_axis   ? 
_cell.Z_PDB              4 
_cell.length_a_esd       ? 
_cell.length_b_esd       ? 
_cell.length_c_esd       ? 
_cell.angle_alpha_esd    ? 
_cell.angle_beta_esd     ? 
_cell.angle_gamma_esd    ? 
# 
_symmetry.space_group_name_H-M             'P 21 21 21' 
_symmetry.entry_id                         3ONJ 
_symmetry.pdbx_full_space_group_name_H-M   ? 
_symmetry.Int_Tables_number                19 
_symmetry.cell_setting                     ? 
_symmetry.space_group_name_Hall            ? 
# 
loop_
_entity.id 
_entity.type 
_entity.src_method 
_entity.pdbx_description 
_entity.formula_weight 
_entity.pdbx_number_of_molecules 
_entity.pdbx_ec 
_entity.pdbx_mutation 
_entity.pdbx_fragment 
_entity.details 
1 polymer man 't-SNARE VTI1' 10995.161 1  ? ? 'Habc domain, residues 3-99' ? 
2 water   nat water          18.015    98 ? ? ?                            ? 
# 
_entity_name_com.entity_id   1 
_entity_name_com.name        'Vesicle transport v-SNARE protein VTI1, Qb-SNARE VTI1, VPS10-interacting protein 1' 
# 
_entity_poly.entity_id                      1 
_entity_poly.type                           'polypeptide(L)' 
_entity_poly.nstd_linkage                   no 
_entity_poly.nstd_monomer                   no 
_entity_poly.pdbx_seq_one_letter_code       
;SLLISYESDFKTTLEQAKASLAEAPSQPLSQRNTTLKHVEQQQDELFDLLDQMDVEVNNSIGDASERATYKAKLREWKKT
IQSDIKRPLQSLVDSGD
;
_entity_poly.pdbx_seq_one_letter_code_can   
;SLLISYESDFKTTLEQAKASLAEAPSQPLSQRNTTLKHVEQQQDELFDLLDQMDVEVNNSIGDASERATYKAKLREWKKT
IQSDIKRPLQSLVDSGD
;
_entity_poly.pdbx_strand_id                 A 
_entity_poly.pdbx_target_identifier         ? 
# 
loop_
_entity_poly_seq.entity_id 
_entity_poly_seq.num 
_entity_poly_seq.mon_id 
_entity_poly_seq.hetero 
1 1  SER n 
1 2  LEU n 
1 3  LEU n 
1 4  ILE n 
1 5  SER n 
1 6  TYR n 
1 7  GLU n 
1 8  SER n 
1 9  ASP n 
1 10 PHE n 
1 11 LYS n 
1 12 THR n 
1 13 THR n 
1 14 LEU n 
1 15 GLU n 
1 16 GLN n 
1 17 ALA n 
1 18 LYS n 
1 19 ALA n 
1 20 SER n 
1 21 LEU n 
1 22 ALA n 
1 23 GLU n 
1 24 ALA n 
1 25 PRO n 
1 26 SER n 
1 27 GLN n 
1 28 PRO n 
1 29 LEU n 
1 30 SER n 
1 31 GLN n 
1 32 ARG n 
1 33 ASN n 
1 34 THR n 
1 35 THR n 
1 36 LEU n 
1 37 LYS n 
1 38 HIS n 
1 39 VAL n 
1 40 GLU n 
1 41 GLN n 
1 42 GLN n 
1 43 GLN n 
1 44 ASP n 
1 45 GLU n 
1 46 LEU n 
1 47 PHE n 
1 48 ASP n 
1 49 LEU n 
1 50 LEU n 
1 51 ASP n 
1 52 GLN n 
1 53 MET n 
1 54 ASP n 
1 55 VAL n 
1 56 GLU n 
1 57 VAL n 
1 58 ASN n 
1 59 ASN n 
1 60 SER n 
1 61 ILE n 
1 62 GLY n 
1 63 ASP n 
1 64 ALA n 
1 65 SER n 
1 66 GLU n 
1 67 ARG n 
1 68 ALA n 
1 69 THR n 
1 70 TYR n 
1 71 LYS n 
1 72 ALA n 
1 73 LYS n 
1 74 LEU n 
1 75 ARG n 
1 76 GLU n 
1 77 TRP n 
1 78 LYS n 
1 79 LYS n 
1 80 THR n 
1 81 ILE n 
1 82 GLN n 
1 83 SER n 
1 84 ASP n 
1 85 ILE n 
1 86 LYS n 
1 87 ARG n 
1 88 PRO n 
1 89 LEU n 
1 90 GLN n 
1 91 SER n 
1 92 LEU n 
1 93 VAL n 
1 94 ASP n 
1 95 SER n 
1 96 GLY n 
1 97 ASP n 
# 
_entity_src_gen.entity_id                          1 
_entity_src_gen.pdbx_src_id                        1 
_entity_src_gen.pdbx_alt_source_flag               sample 
_entity_src_gen.pdbx_seq_type                      ? 
_entity_src_gen.pdbx_beg_seq_num                   ? 
_entity_src_gen.pdbx_end_seq_num                   ? 
_entity_src_gen.gene_src_common_name               yeast 
_entity_src_gen.gene_src_genus                     ? 
_entity_src_gen.pdbx_gene_src_gene                 ? 
_entity_src_gen.gene_src_species                   ? 
_entity_src_gen.gene_src_strain                    ? 
_entity_src_gen.gene_src_tissue                    ? 
_entity_src_gen.gene_src_tissue_fraction           ? 
_entity_src_gen.gene_src_details                   ? 
_entity_src_gen.pdbx_gene_src_fragment             ? 
_entity_src_gen.pdbx_gene_src_scientific_name      'Saccharomyces cerevisiae' 
_entity_src_gen.pdbx_gene_src_ncbi_taxonomy_id     4932 
_entity_src_gen.pdbx_gene_src_variant              ? 
_entity_src_gen.pdbx_gene_src_cell_line            ? 
_entity_src_gen.pdbx_gene_src_atcc                 ? 
_entity_src_gen.pdbx_gene_src_organ                ? 
_entity_src_gen.pdbx_gene_src_organelle            ? 
_entity_src_gen.pdbx_gene_src_cell                 ? 
_entity_src_gen.pdbx_gene_src_cellular_location    ? 
_entity_src_gen.host_org_common_name               ? 
_entity_src_gen.pdbx_host_org_scientific_name      'Escherichia coli' 
_entity_src_gen.pdbx_host_org_ncbi_taxonomy_id     469008 
_entity_src_gen.host_org_genus                     ? 
_entity_src_gen.pdbx_host_org_gene                 ? 
_entity_src_gen.pdbx_host_org_organ                ? 
_entity_src_gen.host_org_species                   ? 
_entity_src_gen.pdbx_host_org_tissue               ? 
_entity_src_gen.pdbx_host_org_tissue_fraction      ? 
_entity_src_gen.pdbx_host_org_strain               'Bl21 (DE3)' 
_entity_src_gen.pdbx_host_org_variant              ? 
_entity_src_gen.pdbx_host_org_cell_line            ? 
_entity_src_gen.pdbx_host_org_atcc                 ? 
_entity_src_gen.pdbx_host_org_culture_collection   ? 
_entity_src_gen.pdbx_host_org_cell                 ? 
_entity_src_gen.pdbx_host_org_organelle            ? 
_entity_src_gen.pdbx_host_org_cellular_location    ? 
_entity_src_gen.pdbx_host_org_vector_type          plasmid 
_entity_src_gen.pdbx_host_org_vector               ? 
_entity_src_gen.host_org_details                   ? 
_entity_src_gen.expression_system_id               ? 
_entity_src_gen.plasmid_name                       'pET22b(+)' 
_entity_src_gen.plasmid_details                    ? 
_entity_src_gen.pdbx_description                   ? 
# 
_struct_ref.id                         1 
_struct_ref.db_name                    UNP 
_struct_ref.db_code                    VTI1_YEAST 
_struct_ref.pdbx_db_accession          Q04338 
_struct_ref.entity_id                  1 
_struct_ref.pdbx_seq_one_letter_code   
;SLLISYESDFKTTLEQAKASLAEAPSQPLSQRNTTLKHVEQQQDELFDLLDQMDVEVNNSIGDASERATYKAKLREWKKT
IQSDIKRPLQSLVDSGD
;
_struct_ref.pdbx_align_begin           3 
_struct_ref.pdbx_db_isoform            ? 
# 
_struct_ref_seq.align_id                      1 
_struct_ref_seq.ref_id                        1 
_struct_ref_seq.pdbx_PDB_id_code              3ONJ 
_struct_ref_seq.pdbx_strand_id                A 
_struct_ref_seq.seq_align_beg                 1 
_struct_ref_seq.pdbx_seq_align_beg_ins_code   ? 
_struct_ref_seq.seq_align_end                 97 
_struct_ref_seq.pdbx_seq_align_end_ins_code   ? 
_struct_ref_seq.pdbx_db_accession             Q04338 
_struct_ref_seq.db_align_beg                  3 
_struct_ref_seq.pdbx_db_align_beg_ins_code    ? 
_struct_ref_seq.db_align_end                  99 
_struct_ref_seq.pdbx_db_align_end_ins_code    ? 
_struct_ref_seq.pdbx_auth_seq_align_beg       3 
_struct_ref_seq.pdbx_auth_seq_align_end       99 
# 
loop_
_chem_comp.id 
_chem_comp.type 
_chem_comp.mon_nstd_flag 
_chem_comp.name 
_chem_comp.pdbx_synonyms 
_chem_comp.formula 
_chem_comp.formula_weight 
ALA 'L-peptide linking' y ALANINE         ? 'C3 H7 N O2'     89.093  
ARG 'L-peptide linking' y ARGININE        ? 'C6 H15 N4 O2 1' 175.209 
ASN 'L-peptide linking' y ASPARAGINE      ? 'C4 H8 N2 O3'    132.118 
ASP 'L-peptide linking' y 'ASPARTIC ACID' ? 'C4 H7 N O4'     133.103 
GLN 'L-peptide linking' y GLUTAMINE       ? 'C5 H10 N2 O3'   146.144 
GLU 'L-peptide linking' y 'GLUTAMIC ACID' ? 'C5 H9 N O4'     147.129 
GLY 'peptide linking'   y GLYCINE         ? 'C2 H5 N O2'     75.067  
HIS 'L-peptide linking' y HISTIDINE       ? 'C6 H10 N3 O2 1' 156.162 
HOH non-polymer         . WATER           ? 'H2 O'           18.015  
ILE 'L-peptide linking' y ISOLEUCINE      ? 'C6 H13 N O2'    131.173 
LEU 'L-peptide linking' y LEUCINE         ? 'C6 H13 N O2'    131.173 
LYS 'L-peptide linking' y LYSINE          ? 'C6 H15 N2 O2 1' 147.195 
MET 'L-peptide linking' y METHIONINE      ? 'C5 H11 N O2 S'  149.211 
PHE 'L-peptide linking' y PHENYLALANINE   ? 'C9 H11 N O2'    165.189 
PRO 'L-peptide linking' y PROLINE         ? 'C5 H9 N O2'     115.130 
SER 'L-peptide linking' y SERINE          ? 'C3 H7 N O3'     105.093 
THR 'L-peptide linking' y THREONINE       ? 'C4 H9 N O3'     119.119 
TRP 'L-peptide linking' y TRYPTOPHAN      ? 'C11 H12 N2 O2'  204.225 
TYR 'L-peptide linking' y TYROSINE        ? 'C9 H11 N O3'    181.189 
VAL 'L-peptide linking' y VALINE          ? 'C5 H11 N O2'    117.146 
# 
_exptl.crystals_number   1 
_exptl.entry_id          3ONJ 
_exptl.method            'X-RAY DIFFRACTION' 
# 
_exptl_crystal.id                    1 
_exptl_crystal.pdbx_mosaicity        ? 
_exptl_crystal.pdbx_mosaicity_esd    ? 
_exptl_crystal.density_Matthews      1.88 
_exptl_crystal.density_diffrn        ? 
_exptl_crystal.density_meas          ? 
_exptl_crystal.density_meas_temp     ? 
_exptl_crystal.density_percent_sol   34.49 
_exptl_crystal.size_max              ? 
_exptl_crystal.size_mid              ? 
_exptl_crystal.size_min              ? 
_exptl_crystal.size_rad              ? 
_exptl_crystal.description           ? 
_exptl_crystal.F_000                 ? 
_exptl_crystal.preparation           ? 
# 
_exptl_crystal_grow.crystal_id      1 
_exptl_crystal_grow.method          'VAPOR DIFFUSION, HANGING DROP' 
_exptl_crystal_grow.pH              4.6 
_exptl_crystal_grow.temp            288.0 
_exptl_crystal_grow.pdbx_details    
'0.2M Ammonium Sulfate, 0.1M Sodium Acetate trihydrate, 25% PEG 4000, pH 4.6, VAPOR DIFFUSION, HANGING DROP, temperature 288.0K' 
_exptl_crystal_grow.temp_details    ? 
_exptl_crystal_grow.pdbx_pH_range   . 
# 
_diffrn.id                     1 
_diffrn.ambient_temp           100 
_diffrn.ambient_temp_details   ? 
_diffrn.crystal_id             1 
# 
_diffrn_detector.diffrn_id              1 
_diffrn_detector.detector               CCD 
_diffrn_detector.type                   'MARMOSAIC 225 mm CCD' 
_diffrn_detector.pdbx_collection_date   2009-05-25 
_diffrn_detector.details                ? 
# 
_diffrn_radiation.diffrn_id                        1 
_diffrn_radiation.pdbx_diffrn_protocol             'SINGLE WAVELENGTH' 
_diffrn_radiation.monochromator                    ? 
_diffrn_radiation.wavelength_id                    1 
_diffrn_radiation.pdbx_monochromatic_or_laue_m_l   M 
_diffrn_radiation.pdbx_scattering_type             x-ray 
# 
_diffrn_radiation_wavelength.id           1 
_diffrn_radiation_wavelength.wavelength   1 
_diffrn_radiation_wavelength.wt           1.0 
# 
_diffrn_source.diffrn_id                   1 
_diffrn_source.source                      SYNCHROTRON 
_diffrn_source.type                        'SSRF BEAMLINE BL17U' 
_diffrn_source.pdbx_wavelength_list        1 
_diffrn_source.pdbx_wavelength             ? 
_diffrn_source.pdbx_synchrotron_site       SSRF 
_diffrn_source.pdbx_synchrotron_beamline   BL17U 
# 
_reflns.entry_id                     3ONJ 
_reflns.observed_criterion_sigma_F   ? 
_reflns.observed_criterion_sigma_I   ? 
_reflns.d_resolution_high            1.92 
_reflns.d_resolution_low             50 
_reflns.number_all                   ? 
_reflns.number_obs                   6805 
_reflns.percent_possible_obs         99.8 
_reflns.pdbx_Rmerge_I_obs            ? 
_reflns.pdbx_Rsym_value              ? 
_reflns.pdbx_netI_over_sigmaI        ? 
_reflns.B_iso_Wilson_estimate        ? 
_reflns.pdbx_redundancy              ? 
_reflns.R_free_details               ? 
_reflns.limit_h_max                  ? 
_reflns.limit_h_min                  ? 
_reflns.limit_k_max                  ? 
_reflns.limit_k_min                  ? 
_reflns.limit_l_max                  ? 
_reflns.limit_l_min                  ? 
_reflns.observed_criterion_F_max     ? 
_reflns.observed_criterion_F_min     ? 
_reflns.pdbx_chi_squared             ? 
_reflns.pdbx_scaling_rejects         ? 
_reflns.pdbx_ordinal                 1 
_reflns.pdbx_diffrn_id               1 
# 
_reflns_shell.d_res_high                  1.92 
_reflns_shell.d_res_low                   1.95 
_reflns_shell.percent_possible_obs        ? 
_reflns_shell.percent_possible_all        94.7 
_reflns_shell.Rmerge_I_obs                ? 
_reflns_shell.meanI_over_sigI_obs         ? 
_reflns_shell.pdbx_Rsym_value             ? 
_reflns_shell.pdbx_redundancy             5.8 
_reflns_shell.number_unique_all           ? 
_reflns_shell.number_measured_all         ? 
_reflns_shell.number_measured_obs         ? 
_reflns_shell.number_unique_obs           ? 
_reflns_shell.pdbx_chi_squared            ? 
_reflns_shell.pdbx_rejects                ? 
_reflns_shell.pdbx_netI_over_sigmaI_obs   ? 
_reflns_shell.number_possible             ? 
_reflns_shell.Rmerge_F_all                ? 
_reflns_shell.Rmerge_F_obs                ? 
_reflns_shell.Rmerge_I_all                ? 
_reflns_shell.meanI_over_sigI_all         ? 
_reflns_shell.pdbx_Rrim_I_all             ? 
_reflns_shell.pdbx_Rpim_I_all             ? 
_reflns_shell.pdbx_ordinal                1 
_reflns_shell.pdbx_diffrn_id              1 
# 
_refine.entry_id                                 3ONJ 
_refine.ls_d_res_high                            1.9200 
_refine.ls_d_res_low                             35.8500 
_refine.pdbx_ls_sigma_F                          0.000 
_refine.pdbx_data_cutoff_high_absF               ? 
_refine.pdbx_data_cutoff_low_absF                ? 
_refine.ls_percent_reflns_obs                    99.6600 
_refine.ls_number_reflns_obs                     6684 
_refine.ls_number_reflns_all                     ? 
_refine.pdbx_ls_cross_valid_method               THROUGHOUT 
_refine.pdbx_R_Free_selection_details            RANDOM 
_refine.details                                  'HYDROGENS HAVE BEEN ADDED IN THE RIDING POSITIONS U VALUES: REFINED INDIVIDUALLY' 
_refine.ls_R_factor_all                          ? 
_refine.ls_R_factor_obs                          0.1788 
_refine.ls_R_factor_R_work                       0.1721 
_refine.ls_wR_factor_R_work                      ? 
_refine.ls_R_factor_R_free                       0.2403 
_refine.ls_wR_factor_R_free                      ? 
_refine.ls_percent_reflns_R_free                 10.0000 
_refine.ls_number_reflns_R_free                  669 
_refine.ls_R_factor_R_free_error                 ? 
_refine.B_iso_mean                               13.5034 
_refine.solvent_model_param_bsol                 ? 
_refine.solvent_model_param_ksol                 ? 
_refine.pdbx_isotropic_thermal_model             ? 
_refine.aniso_B[1][1]                            0.8000 
_refine.aniso_B[2][2]                            0.7500 
_refine.aniso_B[3][3]                            -1.5500 
_refine.aniso_B[1][2]                            0.0000 
_refine.aniso_B[1][3]                            0.0000 
_refine.aniso_B[2][3]                            0.0000 
_refine.correlation_coeff_Fo_to_Fc               0.9450 
_refine.correlation_coeff_Fo_to_Fc_free          0.9080 
_refine.overall_SU_R_Cruickshank_DPI             ? 
_refine.overall_SU_R_free                        ? 
_refine.pdbx_overall_ESU_R_Free                  0.1800 
_refine.overall_SU_ML                            ? 
_refine.overall_SU_B                             ? 
_refine.solvent_model_details                    MASK 
_refine.pdbx_solvent_vdw_probe_radii             1.4000 
_refine.pdbx_solvent_ion_probe_radii             0.8000 
_refine.pdbx_solvent_shrinkage_radii             0.8000 
_refine.ls_number_parameters                     ? 
_refine.ls_number_restraints                     ? 
_refine.pdbx_starting_model                      'PDB ENTRY 1vcs' 
_refine.pdbx_method_to_determine_struct          'MOLECULAR REPLACEMENT' 
_refine.pdbx_stereochemistry_target_values       'MAXIMUM LIKELIHOOD' 
_refine.pdbx_stereochem_target_val_spec_case     ? 
_refine.overall_FOM_work_R_set                   ? 
_refine.B_iso_max                                49.940 
_refine.B_iso_min                                3.350 
_refine.occupancy_max                            1.000 
_refine.occupancy_min                            0.620 
_refine.pdbx_ls_sigma_I                          ? 
_refine.ls_redundancy_reflns_obs                 ? 
_refine.ls_R_factor_R_free_error_details         ? 
_refine.pdbx_data_cutoff_high_rms_absF           ? 
_refine.overall_FOM_free_R_set                   ? 
_refine.pdbx_refine_id                           'X-RAY DIFFRACTION' 
_refine.pdbx_overall_phase_error                 ? 
_refine.pdbx_diffrn_id                           1 
_refine.pdbx_overall_ESU_R                       ? 
_refine.pdbx_TLS_residual_ADP_flag               ? 
_refine.pdbx_overall_SU_R_free_Cruickshank_DPI   ? 
_refine.pdbx_overall_SU_R_Blow_DPI               ? 
_refine.pdbx_overall_SU_R_free_Blow_DPI          ? 
# 
_refine_hist.pdbx_refine_id                   'X-RAY DIFFRACTION' 
_refine_hist.cycle_id                         LAST 
_refine_hist.pdbx_number_atoms_protein        752 
_refine_hist.pdbx_number_atoms_nucleic_acid   0 
_refine_hist.pdbx_number_atoms_ligand         0 
_refine_hist.number_atoms_solvent             98 
_refine_hist.number_atoms_total               850 
_refine_hist.d_res_high                       1.9200 
_refine_hist.d_res_low                        35.8500 
# 
loop_
_refine_ls_restr.type 
_refine_ls_restr.number 
_refine_ls_restr.dev_ideal 
_refine_ls_restr.dev_ideal_target 
_refine_ls_restr.weight 
_refine_ls_restr.pdbx_refine_id 
_refine_ls_restr.pdbx_restraint_function 
r_bond_refined_d       761  0.006  0.022  ? 'X-RAY DIFFRACTION' ? 
r_angle_refined_deg    1030 0.871  1.980  ? 'X-RAY DIFFRACTION' ? 
r_dihedral_angle_1_deg 96   4.031  5.000  ? 'X-RAY DIFFRACTION' ? 
r_dihedral_angle_2_deg 35   36.290 27.143 ? 'X-RAY DIFFRACTION' ? 
r_dihedral_angle_3_deg 142  11.930 15.000 ? 'X-RAY DIFFRACTION' ? 
r_dihedral_angle_4_deg 2    27.155 15.000 ? 'X-RAY DIFFRACTION' ? 
r_chiral_restr         121  0.057  0.200  ? 'X-RAY DIFFRACTION' ? 
r_gen_planes_refined   564  0.004  0.021  ? 'X-RAY DIFFRACTION' ? 
r_mcbond_it            486  2.840  1.500  ? 'X-RAY DIFFRACTION' ? 
r_mcangle_it           783  3.742  2.000  ? 'X-RAY DIFFRACTION' ? 
r_scbond_it            275  5.037  3.000  ? 'X-RAY DIFFRACTION' ? 
r_scangle_it           247  7.624  4.500  ? 'X-RAY DIFFRACTION' ? 
# 
_refine_ls_shell.d_res_high                       1.9200 
_refine_ls_shell.d_res_low                        1.9700 
_refine_ls_shell.pdbx_total_number_of_bins_used   20 
_refine_ls_shell.percent_reflns_obs               99.7900 
_refine_ls_shell.number_reflns_R_work             435 
_refine_ls_shell.R_factor_all                     ? 
_refine_ls_shell.R_factor_R_work                  0.1870 
_refine_ls_shell.R_factor_R_free                  0.2370 
_refine_ls_shell.percent_reflns_R_free            ? 
_refine_ls_shell.number_reflns_R_free             46 
_refine_ls_shell.R_factor_R_free_error            ? 
_refine_ls_shell.number_reflns_all                481 
_refine_ls_shell.number_reflns_obs                ? 
_refine_ls_shell.pdbx_refine_id                   'X-RAY DIFFRACTION' 
_refine_ls_shell.redundancy_reflns_obs            ? 
# 
_struct.entry_id                  3ONJ 
_struct.title                     'Crystal structure of yeast Vti1p_Habc domain' 
_struct.pdbx_model_details        ? 
_struct.pdbx_CASP_flag            ? 
_struct.pdbx_model_type_details   ? 
# 
_struct_keywords.entry_id        3ONJ 
_struct_keywords.text            'helix, Habc, Protein transport' 
_struct_keywords.pdbx_keywords   'PROTEIN TRANSPORT' 
# 
loop_
_struct_asym.id 
_struct_asym.pdbx_blank_PDB_chainid_flag 
_struct_asym.pdbx_modified 
_struct_asym.entity_id 
_struct_asym.details 
A N N 1 ? 
B N N 2 ? 
# 
_struct_biol.id        1 
_struct_biol.details   ? 
# 
loop_
_struct_conf.conf_type_id 
_struct_conf.id 
_struct_conf.pdbx_PDB_helix_id 
_struct_conf.beg_label_comp_id 
_struct_conf.beg_label_asym_id 
_struct_conf.beg_label_seq_id 
_struct_conf.pdbx_beg_PDB_ins_code 
_struct_conf.end_label_comp_id 
_struct_conf.end_label_asym_id 
_struct_conf.end_label_seq_id 
_struct_conf.pdbx_end_PDB_ins_code 
_struct_conf.beg_auth_comp_id 
_struct_conf.beg_auth_asym_id 
_struct_conf.beg_auth_seq_id 
_struct_conf.end_auth_comp_id 
_struct_conf.end_auth_asym_id 
_struct_conf.end_auth_seq_id 
_struct_conf.pdbx_PDB_helix_class 
_struct_conf.details 
_struct_conf.pdbx_PDB_helix_length 
HELX_P HELX_P1 1 SER A 1  ? ALA A 24 ? SER A 3  ALA A 26 1 ? 24 
HELX_P HELX_P2 2 PRO A 25 ? GLN A 27 ? PRO A 27 GLN A 29 5 ? 3  
HELX_P HELX_P3 3 PRO A 28 ? ILE A 61 ? PRO A 30 ILE A 63 1 ? 34 
HELX_P HELX_P4 4 ASP A 63 ? ILE A 85 ? ASP A 65 ILE A 87 1 ? 23 
HELX_P HELX_P5 5 ILE A 85 ? SER A 95 ? ILE A 87 SER A 97 1 ? 11 
# 
_struct_conf_type.id          HELX_P 
_struct_conf_type.criteria    ? 
_struct_conf_type.reference   ? 
# 
_atom_sites.entry_id                    3ONJ 
_atom_sites.fract_transf_matrix[1][1]   0.02523385 
_atom_sites.fract_transf_matrix[1][2]   0.01653459 
_atom_sites.fract_transf_matrix[1][3]   0.00772154 
_atom_sites.fract_transf_matrix[2][1]   0.00445818 
_atom_sites.fract_transf_matrix[2][2]   0.00228653 
_atom_sites.fract_transf_matrix[2][3]   -0.01946552 
_atom_sites.fract_transf_matrix[3][1]   -0.01049337 
_atom_sites.fract_transf_matrix[3][2]   0.01624536 
_atom_sites.fract_transf_matrix[3][3]   -0.00049502 
_atom_sites.fract_transf_vector[1]      0.407305 
_atom_sites.fract_transf_vector[2]      -0.124883 
_atom_sites.fract_transf_vector[3]      -0.167680 
# 
loop_
_atom_type.symbol 
C 
N 
O 
S 
# 
loop_
_atom_site.group_PDB 
_atom_site.id 
_atom_site.type_symbol 
_atom_site.label_atom_id 
_atom_site.label_alt_id 
_atom_site.label_comp_id 
_atom_site.label_asym_id 
_atom_site.label_entity_id 
_atom_site.label_seq_id 
_atom_site.pdbx_PDB_ins_code 
_atom_site.Cartn_x 
_atom_site.Cartn_y 
_atom_site.Cartn_z 
_atom_site.occupancy 
_atom_site.B_iso_or_equiv 
_atom_site.pdbx_formal_charge 
_atom_site.auth_seq_id 
_atom_site.auth_comp_id 
_atom_site.auth_asym_id 
_atom_site.auth_atom_id 
_atom_site.pdbx_PDB_model_num 
ATOM   1   N N   . SER A 1 1  ? -15.299 8.663   10.542  1.00 10.64 ? 3   SER A N   1 
ATOM   2   C CA  . SER A 1 1  ? -15.599 9.083   9.172   1.00 12.84 ? 3   SER A CA  1 
ATOM   3   C C   . SER A 1 1  ? -15.114 8.018   8.190   1.00 8.34  ? 3   SER A C   1 
ATOM   4   O O   . SER A 1 1  ? -14.270 7.194   8.541   1.00 4.82  ? 3   SER A O   1 
ATOM   5   C CB  . SER A 1 1  ? -14.901 10.407  8.871   1.00 13.86 ? 3   SER A CB  1 
ATOM   6   O OG  . SER A 1 1  ? -13.503 10.224  8.729   1.00 6.91  ? 3   SER A OG  1 
ATOM   7   N N   . LEU A 1 2  ? -15.640 8.028   6.969   1.00 6.09  ? 4   LEU A N   1 
ATOM   8   C CA  . LEU A 1 2  ? -15.160 7.095   5.955   1.00 5.71  ? 4   LEU A CA  1 
ATOM   9   C C   . LEU A 1 2  ? -13.678 7.296   5.687   1.00 7.26  ? 4   LEU A C   1 
ATOM   10  O O   . LEU A 1 2  ? -12.911 6.342   5.625   1.00 3.74  ? 4   LEU A O   1 
ATOM   11  C CB  . LEU A 1 2  ? -15.920 7.271   4.643   1.00 10.21 ? 4   LEU A CB  1 
ATOM   12  C CG  . LEU A 1 2  ? -17.364 6.786   4.605   1.00 12.00 ? 4   LEU A CG  1 
ATOM   13  C CD1 . LEU A 1 2  ? -17.870 6.854   3.164   1.00 9.28  ? 4   LEU A CD1 1 
ATOM   14  C CD2 . LEU A 1 2  ? -17.448 5.375   5.133   1.00 11.70 ? 4   LEU A CD2 1 
ATOM   15  N N   . LEU A 1 3  ? -13.281 8.556   5.532   1.00 6.30  ? 5   LEU A N   1 
ATOM   16  C CA  . LEU A 1 3  ? -11.886 8.881   5.260   1.00 5.08  ? 5   LEU A CA  1 
ATOM   17  C C   . LEU A 1 3  ? -10.938 8.282   6.288   1.00 6.20  ? 5   LEU A C   1 
ATOM   18  O O   . LEU A 1 3  ? -9.904  7.707   5.939   1.00 4.80  ? 5   LEU A O   1 
ATOM   19  C CB  . LEU A 1 3  ? -11.710 10.397  5.215   1.00 7.44  ? 5   LEU A CB  1 
ATOM   20  C CG  . LEU A 1 3  ? -10.313 10.849  4.797   1.00 12.34 ? 5   LEU A CG  1 
ATOM   21  C CD1 . LEU A 1 3  ? -9.921  10.228  3.451   1.00 10.22 ? 5   LEU A CD1 1 
ATOM   22  C CD2 . LEU A 1 3  ? -10.273 12.368  4.745   1.00 13.07 ? 5   LEU A CD2 1 
ATOM   23  N N   . ILE A 1 4  ? -11.274 8.436   7.560   1.00 3.35  ? 6   ILE A N   1 
ATOM   24  C CA  . ILE A 1 4  ? -10.441 7.868   8.609   1.00 4.99  ? 6   ILE A CA  1 
ATOM   25  C C   . ILE A 1 4  ? -10.433 6.342   8.516   1.00 4.62  ? 6   ILE A C   1 
ATOM   26  O O   . ILE A 1 4  ? -9.399  5.700   8.709   1.00 4.75  ? 6   ILE A O   1 
ATOM   27  C CB  . ILE A 1 4  ? -10.914 8.319   10.007  1.00 10.82 ? 6   ILE A CB  1 
ATOM   28  C CG1 . ILE A 1 4  ? -10.541 9.789   10.238  1.00 11.07 ? 6   ILE A CG1 1 
ATOM   29  C CG2 . ILE A 1 4  ? -10.323 7.429   11.082  1.00 12.31 ? 6   ILE A CG2 1 
ATOM   30  C CD1 . ILE A 1 4  ? -9.060  10.055  10.246  1.00 21.35 ? 6   ILE A CD1 1 
ATOM   31  N N   . SER A 1 5  ? -11.577 5.752   8.193   1.00 3.80  ? 7   SER A N   1 
ATOM   32  C CA  . SER A 1 5  ? -11.618 4.294   8.042   1.00 6.62  ? 7   SER A CA  1 
ATOM   33  C C   . SER A 1 5  ? -10.647 3.822   6.956   1.00 5.68  ? 7   SER A C   1 
ATOM   34  O O   . SER A 1 5  ? -9.980  2.794   7.114   1.00 4.42  ? 7   SER A O   1 
ATOM   35  C CB  . SER A 1 5  ? -13.046 3.798   7.760   1.00 5.52  ? 7   SER A CB  1 
ATOM   36  O OG  . SER A 1 5  ? -13.368 3.910   6.388   1.00 5.57  ? 7   SER A OG  1 
ATOM   37  N N   . TYR A 1 6  ? -10.550 4.574   5.864   1.00 7.75  ? 8   TYR A N   1 
ATOM   38  C CA  . TYR A 1 6  ? -9.655  4.190   4.771   1.00 5.06  ? 8   TYR A CA  1 
ATOM   39  C C   . TYR A 1 6  ? -8.196  4.356   5.160   1.00 4.56  ? 8   TYR A C   1 
ATOM   40  O O   . TYR A 1 6  ? -7.372  3.523   4.817   1.00 3.77  ? 8   TYR A O   1 
ATOM   41  C CB  . TYR A 1 6  ? -9.911  5.005   3.496   1.00 6.01  ? 8   TYR A CB  1 
ATOM   42  C CG  . TYR A 1 6  ? -11.320 4.946   2.975   1.00 5.15  ? 8   TYR A CG  1 
ATOM   43  C CD1 . TYR A 1 6  ? -12.110 3.810   3.146   1.00 7.32  ? 8   TYR A CD1 1 
ATOM   44  C CD2 . TYR A 1 6  ? -11.854 6.017   2.279   1.00 6.42  ? 8   TYR A CD2 1 
ATOM   45  C CE1 . TYR A 1 6  ? -13.415 3.774   2.656   1.00 8.93  ? 8   TYR A CE1 1 
ATOM   46  C CE2 . TYR A 1 6  ? -13.135 5.991   1.793   1.00 8.87  ? 8   TYR A CE2 1 
ATOM   47  C CZ  . TYR A 1 6  ? -13.913 4.865   1.979   1.00 10.25 ? 8   TYR A CZ  1 
ATOM   48  O OH  . TYR A 1 6  ? -15.190 4.864   1.480   1.00 12.62 ? 8   TYR A OH  1 
ATOM   49  N N   . GLU A 1 7  ? -7.876  5.456   5.837   1.00 4.33  ? 9   GLU A N   1 
ATOM   50  C CA  . GLU A 1 7  ? -6.506  5.711   6.276   1.00 5.57  ? 9   GLU A CA  1 
ATOM   51  C C   . GLU A 1 7  ? -5.975  4.603   7.174   1.00 6.28  ? 9   GLU A C   1 
ATOM   52  O O   . GLU A 1 7  ? -4.847  4.118   7.011   1.00 4.03  ? 9   GLU A O   1 
ATOM   53  C CB  . GLU A 1 7  ? -6.443  7.046   7.023   1.00 4.83  ? 9   GLU A CB  1 
ATOM   54  C CG  . GLU A 1 7  ? -6.690  8.228   6.138   1.00 5.82  ? 9   GLU A CG  1 
ATOM   55  C CD  . GLU A 1 7  ? -6.328  9.542   6.821   1.00 18.93 ? 9   GLU A CD  1 
ATOM   56  O OE1 . GLU A 1 7  ? -6.030  9.539   8.039   1.00 26.80 ? 9   GLU A OE1 1 
ATOM   57  O OE2 . GLU A 1 7  ? -6.328  10.574  6.135   1.00 16.48 ? 9   GLU A OE2 1 
ATOM   58  N N   . SER A 1 8  ? -6.785  4.231   8.156   1.00 4.45  ? 10  SER A N   1 
ATOM   59  C CA  . SER A 1 8  ? -6.409  3.166   9.069   1.00 4.65  ? 10  SER A CA  1 
ATOM   60  C C   . SER A 1 8  ? -6.263  1.823   8.340   1.00 6.37  ? 10  SER A C   1 
ATOM   61  O O   . SER A 1 8  ? -5.351  1.048   8.630   1.00 5.59  ? 10  SER A O   1 
ATOM   62  C CB  . SER A 1 8  ? -7.412  3.066   10.221  1.00 10.82 ? 10  SER A CB  1 
ATOM   63  O OG  . SER A 1 8  ? -7.019  2.041   11.122  0.62 11.81 ? 10  SER A OG  1 
ATOM   64  N N   . ASP A 1 9  ? -7.162  1.556   7.395   1.00 4.97  ? 11  ASP A N   1 
ATOM   65  C CA  . ASP A 1 9  ? -7.117  0.318   6.611   1.00 5.28  ? 11  ASP A CA  1 
ATOM   66  C C   . ASP A 1 9  ? -5.849  0.297   5.770   1.00 6.05  ? 11  ASP A C   1 
ATOM   67  O O   . ASP A 1 9  ? -5.171  -0.736  5.672   1.00 6.14  ? 11  ASP A O   1 
ATOM   68  C CB  . ASP A 1 9  ? -8.360  0.216   5.718   1.00 7.59  ? 11  ASP A CB  1 
ATOM   69  C CG  . ASP A 1 9  ? -8.499  -1.144  5.045   1.00 13.48 ? 11  ASP A CG  1 
ATOM   70  O OD1 . ASP A 1 9  ? -7.593  -1.997  5.174   1.00 16.41 ? 11  ASP A OD1 1 
ATOM   71  O OD2 . ASP A 1 9  ? -9.533  -1.354  4.381   1.00 12.89 ? 11  ASP A OD2 1 
ATOM   72  N N   . PHE A 1 10 ? -5.521  1.445   5.181   1.00 4.15  ? 12  PHE A N   1 
ATOM   73  C CA  . PHE A 1 10 ? -4.296  1.585   4.395   1.00 4.09  ? 12  PHE A CA  1 
ATOM   74  C C   . PHE A 1 10 ? -3.061  1.280   5.247   1.00 5.01  ? 12  PHE A C   1 
ATOM   75  O O   . PHE A 1 10 ? -2.214  0.469   4.871   1.00 4.60  ? 12  PHE A O   1 
ATOM   76  C CB  . PHE A 1 10 ? -4.196  3.000   3.815   1.00 4.04  ? 12  PHE A CB  1 
ATOM   77  C CG  . PHE A 1 10 ? -3.001  3.213   2.922   1.00 6.34  ? 12  PHE A CG  1 
ATOM   78  C CD1 . PHE A 1 10 ? -3.117  3.062   1.547   1.00 5.18  ? 12  PHE A CD1 1 
ATOM   79  C CD2 . PHE A 1 10 ? -1.767  3.568   3.455   1.00 5.29  ? 12  PHE A CD2 1 
ATOM   80  C CE1 . PHE A 1 10 ? -2.020  3.266   0.715   1.00 6.68  ? 12  PHE A CE1 1 
ATOM   81  C CE2 . PHE A 1 10 ? -0.660  3.759   2.632   1.00 7.19  ? 12  PHE A CE2 1 
ATOM   82  C CZ  . PHE A 1 10 ? -0.788  3.609   1.259   1.00 7.16  ? 12  PHE A CZ  1 
ATOM   83  N N   . LYS A 1 11 ? -2.958  1.931   6.400   1.00 3.41  ? 13  LYS A N   1 
ATOM   84  C CA  . LYS A 1 11 ? -1.783  1.767   7.251   1.00 6.77  ? 13  LYS A CA  1 
ATOM   85  C C   . LYS A 1 11 ? -1.628  0.326   7.747   1.00 9.08  ? 13  LYS A C   1 
ATOM   86  O O   . LYS A 1 11 ? -0.516  -0.205  7.770   1.00 6.81  ? 13  LYS A O   1 
ATOM   87  C CB  . LYS A 1 11 ? -1.817  2.748   8.422   1.00 8.34  ? 13  LYS A CB  1 
ATOM   88  C CG  . LYS A 1 11 ? -1.703  4.216   8.000   1.00 9.95  ? 13  LYS A CG  1 
ATOM   89  C CD  . LYS A 1 11 ? -2.037  5.157   9.160   1.00 8.96  ? 13  LYS A CD  1 
ATOM   90  C CE  . LYS A 1 11 ? -2.113  6.600   8.700   1.00 19.84 ? 13  LYS A CE  1 
ATOM   91  N NZ  . LYS A 1 11 ? -2.565  7.492   9.804   1.00 21.20 ? 13  LYS A NZ  1 
ATOM   92  N N   . THR A 1 12 ? -2.741  -0.295  8.141   1.00 3.86  ? 14  THR A N   1 
ATOM   93  C CA  . THR A 1 12 ? -2.718  -1.665  8.664   1.00 8.43  ? 14  THR A CA  1 
ATOM   94  C C   . THR A 1 12 ? -2.372  -2.676  7.560   1.00 7.39  ? 14  THR A C   1 
ATOM   95  O O   . THR A 1 12 ? -1.594  -3.616  7.758   1.00 5.15  ? 14  THR A O   1 
ATOM   96  C CB  . THR A 1 12 ? -4.065  -2.039  9.312   1.00 8.45  ? 14  THR A CB  1 
ATOM   97  O OG1 . THR A 1 12 ? -4.285  -1.198  10.450  1.00 11.79 ? 14  THR A OG1 1 
ATOM   98  C CG2 . THR A 1 12 ? -4.053  -3.495  9.772   1.00 12.32 ? 14  THR A CG2 1 
ATOM   99  N N   . THR A 1 13 ? -2.952  -2.462  6.392   1.00 5.91  ? 15  THR A N   1 
ATOM   100 C CA  . THR A 1 13 ? -2.670  -3.308  5.237   1.00 6.40  ? 15  THR A CA  1 
ATOM   101 C C   . THR A 1 13 ? -1.212  -3.180  4.802   1.00 6.25  ? 15  THR A C   1 
ATOM   102 O O   . THR A 1 13 ? -0.562  -4.176  4.492   1.00 8.34  ? 15  THR A O   1 
ATOM   103 C CB  . THR A 1 13 ? -3.630  -2.976  4.079   1.00 7.86  ? 15  THR A CB  1 
ATOM   104 O OG1 . THR A 1 13 ? -4.975  -3.222  4.516   1.00 8.90  ? 15  THR A OG1 1 
ATOM   105 C CG2 . THR A 1 13 ? -3.331  -3.850  2.859   1.00 7.71  ? 15  THR A CG2 1 
ATOM   106 N N   . LEU A 1 14 ? -0.695  -1.954  4.780   1.00 4.44  ? 16  LEU A N   1 
ATOM   107 C CA  . LEU A 1 14 ? 0.700   -1.734  4.414   1.00 5.59  ? 16  LEU A CA  1 
ATOM   108 C C   . LEU A 1 14 ? 1.631   -2.457  5.387   1.00 7.54  ? 16  LEU A C   1 
ATOM   109 O O   . LEU A 1 14 ? 2.583   -3.138  4.984   1.00 7.22  ? 16  LEU A O   1 
ATOM   110 C CB  . LEU A 1 14 ? 1.014   -0.235  4.383   1.00 4.04  ? 16  LEU A CB  1 
ATOM   111 C CG  . LEU A 1 14 ? 2.470   0.151   4.118   1.00 8.51  ? 16  LEU A CG  1 
ATOM   112 C CD1 . LEU A 1 14 ? 2.846   -0.162  2.676   1.00 12.63 ? 16  LEU A CD1 1 
ATOM   113 C CD2 . LEU A 1 14 ? 2.695   1.620   4.429   1.00 7.46  ? 16  LEU A CD2 1 
ATOM   114 N N   . GLU A 1 15 ? 1.345   -2.324  6.676   1.00 5.99  ? 17  GLU A N   1 
ATOM   115 C CA  . GLU A 1 15 ? 2.123   -3.018  7.692   1.00 8.63  ? 17  GLU A CA  1 
ATOM   116 C C   . GLU A 1 15 ? 2.109   -4.545  7.511   1.00 10.71 ? 17  GLU A C   1 
ATOM   117 O O   . GLU A 1 15 ? 3.156   -5.195  7.612   1.00 7.35  ? 17  GLU A O   1 
ATOM   118 C CB  . GLU A 1 15 ? 1.615   -2.652  9.085   1.00 11.06 ? 17  GLU A CB  1 
ATOM   119 C CG  . GLU A 1 15 ? 2.351   -3.351  10.199  1.00 12.56 ? 17  GLU A CG  1 
ATOM   120 C CD  . GLU A 1 15 ? 1.708   -3.110  11.560  1.00 23.65 ? 17  GLU A CD  1 
ATOM   121 O OE1 . GLU A 1 15 ? 1.336   -4.099  12.226  1.00 37.28 ? 17  GLU A OE1 1 
ATOM   122 O OE2 . GLU A 1 15 ? 1.574   -1.933  11.957  1.00 27.32 ? 17  GLU A OE2 1 
ATOM   123 N N   . GLN A 1 16 ? 0.930   -5.111  7.252   1.00 8.32  ? 18  GLN A N   1 
ATOM   124 C CA  . GLN A 1 16 ? 0.795   -6.559  7.060   1.00 6.54  ? 18  GLN A CA  1 
ATOM   125 C C   . GLN A 1 16 ? 1.572   -7.009  5.827   1.00 8.56  ? 18  GLN A C   1 
ATOM   126 O O   . GLN A 1 16 ? 2.283   -8.020  5.867   1.00 9.92  ? 18  GLN A O   1 
ATOM   127 C CB  . GLN A 1 16 ? -0.686  -6.981  6.929   1.00 5.51  ? 18  GLN A CB  1 
ATOM   128 C CG  . GLN A 1 16 ? -1.522  -6.796  8.193   1.00 13.47 ? 18  GLN A CG  1 
ATOM   129 C CD  . GLN A 1 16 ? -3.024  -6.902  7.937   1.00 21.71 ? 18  GLN A CD  1 
ATOM   130 O OE1 . GLN A 1 16 ? -3.475  -6.951  6.791   1.00 25.35 ? 18  GLN A OE1 1 
ATOM   131 N NE2 . GLN A 1 16 ? -3.807  -6.928  9.013   1.00 23.02 ? 18  GLN A NE2 1 
ATOM   132 N N   . ALA A 1 17 ? 1.433   -6.256  4.736   1.00 7.14  ? 19  ALA A N   1 
ATOM   133 C CA  . ALA A 1 17 ? 2.126   -6.568  3.487   1.00 9.48  ? 19  ALA A CA  1 
ATOM   134 C C   . ALA A 1 17 ? 3.643   -6.554  3.657   1.00 6.22  ? 19  ALA A C   1 
ATOM   135 O O   . ALA A 1 17 ? 4.348   -7.435  3.155   1.00 7.98  ? 19  ALA A O   1 
ATOM   136 C CB  . ALA A 1 17 ? 1.713   -5.587  2.391   1.00 9.45  ? 19  ALA A CB  1 
ATOM   137 N N   . LYS A 1 18 ? 4.145   -5.528  4.338   1.00 5.69  ? 20  LYS A N   1 
ATOM   138 C CA  . LYS A 1 18 ? 5.574   -5.415  4.580   1.00 5.88  ? 20  LYS A CA  1 
ATOM   139 C C   . LYS A 1 18 ? 6.087   -6.592  5.401   1.00 6.50  ? 20  LYS A C   1 
ATOM   140 O O   . LYS A 1 18 ? 7.190   -7.081  5.168   1.00 7.78  ? 20  LYS A O   1 
ATOM   141 C CB  . LYS A 1 18 ? 5.912   -4.094  5.263   1.00 6.32  ? 20  LYS A CB  1 
ATOM   142 C CG  . LYS A 1 18 ? 5.783   -2.879  4.345   1.00 9.13  ? 20  LYS A CG  1 
ATOM   143 C CD  . LYS A 1 18 ? 5.911   -1.575  5.125   1.00 13.51 ? 20  LYS A CD  1 
ATOM   144 C CE  . LYS A 1 18 ? 7.315   -1.385  5.685   1.00 18.27 ? 20  LYS A CE  1 
ATOM   145 N NZ  . LYS A 1 18 ? 7.562   0.043   6.028   1.00 19.30 ? 20  LYS A NZ  1 
ATOM   146 N N   . ALA A 1 19 ? 5.294   -7.038  6.368   1.00 6.52  ? 21  ALA A N   1 
ATOM   147 C CA  . ALA A 1 19 ? 5.715   -8.138  7.231   1.00 9.01  ? 21  ALA A CA  1 
ATOM   148 C C   . ALA A 1 19 ? 5.768   -9.471  6.466   1.00 12.04 ? 21  ALA A C   1 
ATOM   149 O O   . ALA A 1 19 ? 6.710   -10.261 6.628   1.00 8.09  ? 21  ALA A O   1 
ATOM   150 C CB  . ALA A 1 19 ? 4.814   -8.235  8.458   1.00 9.92  ? 21  ALA A CB  1 
ATOM   151 N N   . SER A 1 20 ? 4.766   -9.711  5.624   1.00 7.89  ? 22  SER A N   1 
ATOM   152 C CA  . SER A 1 20 ? 4.745   -10.903 4.780   1.00 11.77 ? 22  SER A CA  1 
ATOM   153 C C   . SER A 1 20 ? 5.925   -10.892 3.801   1.00 10.90 ? 22  SER A C   1 
ATOM   154 O O   . SER A 1 20 ? 6.597   -11.899 3.613   1.00 8.44  ? 22  SER A O   1 
ATOM   155 C CB  . SER A 1 20 ? 3.416   -11.005 4.015   1.00 9.85  ? 22  SER A CB  1 
ATOM   156 O OG  . SER A 1 20 ? 2.334   -11.263 4.899   1.00 13.89 ? 22  SER A OG  1 
ATOM   157 N N   . LEU A 1 21 ? 6.181   -9.743  3.187   1.00 9.65  ? 23  LEU A N   1 
ATOM   158 C CA  . LEU A 1 21 ? 7.303   -9.611  2.270   1.00 10.17 ? 23  LEU A CA  1 
ATOM   159 C C   . LEU A 1 21 ? 8.645   -9.849  2.984   1.00 12.24 ? 23  LEU A C   1 
ATOM   160 O O   . LEU A 1 21 ? 9.562   -10.444 2.422   1.00 12.47 ? 23  LEU A O   1 
ATOM   161 C CB  . LEU A 1 21 ? 7.271   -8.232  1.608   1.00 11.21 ? 23  LEU A CB  1 
ATOM   162 C CG  . LEU A 1 21 ? 8.143   -7.966  0.381   1.00 20.40 ? 23  LEU A CG  1 
ATOM   163 C CD1 . LEU A 1 21 ? 7.915   -9.003  -0.723  1.00 13.09 ? 23  LEU A CD1 1 
ATOM   164 C CD2 . LEU A 1 21 ? 7.879   -6.564  -0.135  1.00 17.49 ? 23  LEU A CD2 1 
ATOM   165 N N   . ALA A 1 22 ? 8.754   -9.389  4.226   1.00 8.29  ? 24  ALA A N   1 
ATOM   166 C CA  . ALA A 1 22 ? 9.962   -9.611  5.010   1.00 13.68 ? 24  ALA A CA  1 
ATOM   167 C C   . ALA A 1 22 ? 10.165  -11.091 5.376   1.00 10.44 ? 24  ALA A C   1 
ATOM   168 O O   . ALA A 1 22 ? 11.294  -11.538 5.530   1.00 9.55  ? 24  ALA A O   1 
ATOM   169 C CB  . ALA A 1 22 ? 9.955   -8.729  6.264   1.00 15.66 ? 24  ALA A CB  1 
ATOM   170 N N   . GLU A 1 23 ? 9.073   -11.845 5.509   1.00 6.96  ? 25  GLU A N   1 
ATOM   171 C CA  . GLU A 1 23 ? 9.157   -13.279 5.786   1.00 12.70 ? 25  GLU A CA  1 
ATOM   172 C C   . GLU A 1 23 ? 9.477   -14.107 4.550   1.00 10.76 ? 25  GLU A C   1 
ATOM   173 O O   . GLU A 1 23 ? 10.124  -15.152 4.645   1.00 11.63 ? 25  GLU A O   1 
ATOM   174 C CB  . GLU A 1 23 ? 7.846   -13.795 6.386   1.00 12.89 ? 25  GLU A CB  1 
ATOM   175 C CG  . GLU A 1 23 ? 7.615   -13.363 7.825   1.00 18.58 ? 25  GLU A CG  1 
ATOM   176 C CD  . GLU A 1 23 ? 6.203   -13.650 8.295   1.00 29.11 ? 25  GLU A CD  1 
ATOM   177 O OE1 . GLU A 1 23 ? 5.998   -13.758 9.522   1.00 41.66 ? 25  GLU A OE1 1 
ATOM   178 O OE2 . GLU A 1 23 ? 5.300   -13.770 7.439   1.00 21.48 ? 25  GLU A OE2 1 
ATOM   179 N N   . ALA A 1 24 ? 9.010   -13.631 3.398   1.00 7.16  ? 26  ALA A N   1 
ATOM   180 C CA  . ALA A 1 24 ? 9.046   -14.389 2.148   1.00 9.69  ? 26  ALA A CA  1 
ATOM   181 C C   . ALA A 1 24 ? 10.410  -14.994 1.770   1.00 9.89  ? 26  ALA A C   1 
ATOM   182 O O   . ALA A 1 24 ? 10.473  -16.136 1.322   1.00 8.50  ? 26  ALA A O   1 
ATOM   183 C CB  . ALA A 1 24 ? 8.495   -13.537 0.997   1.00 6.94  ? 26  ALA A CB  1 
ATOM   184 N N   . PRO A 1 25 ? 11.503  -14.228 1.938   1.00 8.46  ? 27  PRO A N   1 
ATOM   185 C CA  . PRO A 1 25 ? 12.829  -14.741 1.561   1.00 11.70 ? 27  PRO A CA  1 
ATOM   186 C C   . PRO A 1 25 ? 13.259  -16.005 2.319   1.00 16.15 ? 27  PRO A C   1 
ATOM   187 O O   . PRO A 1 25 ? 14.174  -16.705 1.874   1.00 16.66 ? 27  PRO A O   1 
ATOM   188 C CB  . PRO A 1 25 ? 13.762  -13.573 1.903   1.00 19.98 ? 27  PRO A CB  1 
ATOM   189 C CG  . PRO A 1 25 ? 12.891  -12.365 1.802   1.00 15.81 ? 27  PRO A CG  1 
ATOM   190 C CD  . PRO A 1 25 ? 11.564  -12.817 2.352   1.00 11.32 ? 27  PRO A CD  1 
ATOM   191 N N   . SER A 1 26 ? 12.604  -16.305 3.435   1.00 8.69  ? 28  SER A N   1 
ATOM   192 C CA  . SER A 1 26 ? 12.984  -17.466 4.232   1.00 12.53 ? 28  SER A CA  1 
ATOM   193 C C   . SER A 1 26 ? 12.121  -18.685 3.915   1.00 15.77 ? 28  SER A C   1 
ATOM   194 O O   . SER A 1 26 ? 12.266  -19.736 4.539   1.00 10.41 ? 28  SER A O   1 
ATOM   195 C CB  . SER A 1 26 ? 12.896  -17.145 5.726   1.00 14.46 ? 28  SER A CB  1 
ATOM   196 O OG  . SER A 1 26 ? 11.542  -17.059 6.141   0.74 14.17 ? 28  SER A OG  1 
ATOM   197 N N   . GLN A 1 27 ? 11.219  -18.542 2.947   1.00 12.72 ? 29  GLN A N   1 
ATOM   198 C CA  . GLN A 1 27 ? 10.289  -19.615 2.603   1.00 7.40  ? 29  GLN A CA  1 
ATOM   199 C C   . GLN A 1 27 ? 10.723  -20.320 1.325   1.00 8.50  ? 29  GLN A C   1 
ATOM   200 O O   . GLN A 1 27 ? 11.150  -19.670 0.375   1.00 8.60  ? 29  GLN A O   1 
ATOM   201 C CB  . GLN A 1 27 ? 8.876   -19.042 2.411   1.00 10.46 ? 29  GLN A CB  1 
ATOM   202 C CG  . GLN A 1 27 ? 8.315   -18.334 3.643   1.00 10.77 ? 29  GLN A CG  1 
ATOM   203 C CD  . GLN A 1 27 ? 7.038   -17.566 3.350   1.00 10.85 ? 29  GLN A CD  1 
ATOM   204 O OE1 . GLN A 1 27 ? 6.582   -17.502 2.202   1.00 9.62  ? 29  GLN A OE1 1 
ATOM   205 N NE2 . GLN A 1 27 ? 6.453   -16.975 4.392   1.00 11.85 ? 29  GLN A NE2 1 
ATOM   206 N N   . PRO A 1 28 ? 10.615  -21.660 1.299   1.00 11.06 ? 30  PRO A N   1 
ATOM   207 C CA  . PRO A 1 28 ? 10.838  -22.444 0.079   1.00 10.85 ? 30  PRO A CA  1 
ATOM   208 C C   . PRO A 1 28 ? 9.932   -21.914 -1.029  1.00 11.85 ? 30  PRO A C   1 
ATOM   209 O O   . PRO A 1 28 ? 8.845   -21.435 -0.717  1.00 9.20  ? 30  PRO A O   1 
ATOM   210 C CB  . PRO A 1 28 ? 10.396  -23.852 0.490   1.00 13.03 ? 30  PRO A CB  1 
ATOM   211 C CG  . PRO A 1 28 ? 10.604  -23.896 1.951   1.00 16.57 ? 30  PRO A CG  1 
ATOM   212 C CD  . PRO A 1 28 ? 10.274  -22.516 2.450   1.00 12.28 ? 30  PRO A CD  1 
ATOM   213 N N   . LEU A 1 29 ? 10.365  -22.005 -2.285  1.00 7.50  ? 31  LEU A N   1 
ATOM   214 C CA  . LEU A 1 29 ? 9.697   -21.295 -3.380  1.00 12.11 ? 31  LEU A CA  1 
ATOM   215 C C   . LEU A 1 29 ? 8.193   -21.547 -3.546  1.00 7.19  ? 31  LEU A C   1 
ATOM   216 O O   . LEU A 1 29 ? 7.449   -20.629 -3.851  1.00 9.89  ? 31  LEU A O   1 
ATOM   217 C CB  . LEU A 1 29 ? 10.427  -21.516 -4.709  1.00 10.60 ? 31  LEU A CB  1 
ATOM   218 C CG  . LEU A 1 29 ? 11.858  -20.974 -4.705  1.00 17.81 ? 31  LEU A CG  1 
ATOM   219 C CD1 . LEU A 1 29 ? 12.567  -21.209 -6.040  1.00 15.20 ? 31  LEU A CD1 1 
ATOM   220 C CD2 . LEU A 1 29 ? 11.848  -19.499 -4.339  1.00 24.43 ? 31  LEU A CD2 1 
ATOM   221 N N   . SER A 1 30 ? 7.743   -22.778 -3.368  1.00 6.15  ? 32  SER A N   1 
ATOM   222 C CA  . SER A 1 30 ? 6.327   -23.057 -3.548  1.00 8.65  ? 32  SER A CA  1 
ATOM   223 C C   . SER A 1 30 ? 5.468   -22.243 -2.569  1.00 9.50  ? 32  SER A C   1 
ATOM   224 O O   . SER A 1 30 ? 4.480   -21.608 -2.963  1.00 11.04 ? 32  SER A O   1 
ATOM   225 C CB  . SER A 1 30 ? 6.054   -24.555 -3.426  1.00 8.89  ? 32  SER A CB  1 
ATOM   226 O OG  . SER A 1 30 ? 4.719   -24.831 -3.771  1.00 13.15 ? 32  SER A OG  1 
ATOM   227 N N   . GLN A 1 31 ? 5.864   -22.240 -1.301  1.00 8.75  ? 33  GLN A N   1 
ATOM   228 C CA  . GLN A 1 31 ? 5.181   -21.433 -0.287  1.00 7.53  ? 33  GLN A CA  1 
ATOM   229 C C   . GLN A 1 31 ? 5.408   -19.954 -0.556  1.00 7.66  ? 33  GLN A C   1 
ATOM   230 O O   . GLN A 1 31 ? 4.502   -19.130 -0.410  1.00 8.45  ? 33  GLN A O   1 
ATOM   231 C CB  . GLN A 1 31 ? 5.705   -21.776 1.110   1.00 10.52 ? 33  GLN A CB  1 
ATOM   232 C CG  . GLN A 1 31 ? 5.123   -20.891 2.195   1.00 13.51 ? 33  GLN A CG  1 
ATOM   233 C CD  . GLN A 1 31 ? 5.791   -21.084 3.537   1.00 16.38 ? 33  GLN A CD  1 
ATOM   234 O OE1 . GLN A 1 31 ? 5.264   -20.668 4.567   1.00 22.43 ? 33  GLN A OE1 1 
ATOM   235 N NE2 . GLN A 1 31 ? 6.958   -21.716 3.535   1.00 11.59 ? 33  GLN A NE2 1 
ATOM   236 N N   . ARG A 1 32 ? 6.630   -19.617 -0.951  1.00 8.32  ? 34  ARG A N   1 
ATOM   237 C CA  . ARG A 1 32 ? 6.966   -18.232 -1.238  1.00 6.73  ? 34  ARG A CA  1 
ATOM   238 C C   . ARG A 1 32 ? 6.050   -17.673 -2.325  1.00 9.27  ? 34  ARG A C   1 
ATOM   239 O O   . ARG A 1 32 ? 5.599   -16.523 -2.252  1.00 7.79  ? 34  ARG A O   1 
ATOM   240 C CB  . ARG A 1 32 ? 8.428   -18.102 -1.667  1.00 7.89  ? 34  ARG A CB  1 
ATOM   241 C CG  . ARG A 1 32 ? 8.912   -16.655 -1.778  1.00 9.96  ? 34  ARG A CG  1 
ATOM   242 C CD  . ARG A 1 32 ? 10.362  -16.571 -2.248  1.00 10.13 ? 34  ARG A CD  1 
ATOM   243 N NE  . ARG A 1 32 ? 11.262  -17.337 -1.384  1.00 16.20 ? 34  ARG A NE  1 
ATOM   244 C CZ  . ARG A 1 32 ? 12.585  -17.395 -1.538  1.00 19.19 ? 34  ARG A CZ  1 
ATOM   245 N NH1 . ARG A 1 32 ? 13.164  -16.733 -2.529  1.00 21.94 ? 34  ARG A NH1 1 
ATOM   246 N NH2 . ARG A 1 32 ? 13.328  -18.115 -0.705  1.00 20.35 ? 34  ARG A NH2 1 
ATOM   247 N N   . ASN A 1 33 ? 5.791   -18.493 -3.337  1.00 6.91  ? 35  ASN A N   1 
ATOM   248 C CA  . ASN A 1 33 ? 4.917   -18.103 -4.430  1.00 7.59  ? 35  ASN A CA  1 
ATOM   249 C C   . ASN A 1 33 ? 3.554   -17.698 -3.900  1.00 8.32  ? 35  ASN A C   1 
ATOM   250 O O   . ASN A 1 33 ? 3.004   -16.672 -4.301  1.00 7.38  ? 35  ASN A O   1 
ATOM   251 C CB  . ASN A 1 33 ? 4.792   -19.250 -5.442  1.00 7.59  ? 35  ASN A CB  1 
ATOM   252 C CG  . ASN A 1 33 ? 3.749   -18.980 -6.501  1.00 6.89  ? 35  ASN A CG  1 
ATOM   253 O OD1 . ASN A 1 33 ? 4.001   -18.271 -7.468  1.00 15.51 ? 35  ASN A OD1 1 
ATOM   254 N ND2 . ASN A 1 33 ? 2.577   -19.552 -6.329  1.00 9.57  ? 35  ASN A ND2 1 
ATOM   255 N N   . THR A 1 34 ? 3.022   -18.488 -2.976  1.00 5.67  ? 36  THR A N   1 
ATOM   256 C CA  . THR A 1 34 ? 1.730   -18.175 -2.358  1.00 8.17  ? 36  THR A CA  1 
ATOM   257 C C   . THR A 1 34 ? 1.778   -16.873 -1.544  1.00 7.06  ? 36  THR A C   1 
ATOM   258 O O   . THR A 1 34 ? 0.908   -16.023 -1.668  1.00 6.38  ? 36  THR A O   1 
ATOM   259 C CB  . THR A 1 34 ? 1.229   -19.343 -1.490  1.00 12.30 ? 36  THR A CB  1 
ATOM   260 O OG1 . THR A 1 34 ? 1.157   -20.527 -2.295  1.00 11.85 ? 36  THR A OG1 1 
ATOM   261 C CG2 . THR A 1 34 ? -0.154  -19.037 -0.890  1.00 10.83 ? 36  THR A CG2 1 
ATOM   262 N N   . THR A 1 35 ? 2.806   -16.723 -0.720  1.00 6.34  ? 37  THR A N   1 
ATOM   263 C CA  . THR A 1 35 ? 2.996   -15.506 0.055   1.00 7.81  ? 37  THR A CA  1 
ATOM   264 C C   . THR A 1 35 ? 3.080   -14.253 -0.820  1.00 6.73  ? 37  THR A C   1 
ATOM   265 O O   . THR A 1 35 ? 2.427   -13.252 -0.542  1.00 5.80  ? 37  THR A O   1 
ATOM   266 C CB  . THR A 1 35 ? 4.255   -15.589 0.923   1.00 8.72  ? 37  THR A CB  1 
ATOM   267 O OG1 . THR A 1 35 ? 4.122   -16.685 1.831   1.00 7.94  ? 37  THR A OG1 1 
ATOM   268 C CG2 . THR A 1 35 ? 4.449   -14.278 1.711   1.00 8.43  ? 37  THR A CG2 1 
ATOM   269 N N   . LEU A 1 36 ? 3.875   -14.315 -1.881  1.00 5.57  ? 38  LEU A N   1 
ATOM   270 C CA  . LEU A 1 36 ? 3.998   -13.171 -2.781  1.00 4.11  ? 38  LEU A CA  1 
ATOM   271 C C   . LEU A 1 36 ? 2.689   -12.812 -3.504  1.00 7.08  ? 38  LEU A C   1 
ATOM   272 O O   . LEU A 1 36 ? 2.421   -11.646 -3.765  1.00 5.31  ? 38  LEU A O   1 
ATOM   273 C CB  . LEU A 1 36 ? 5.135   -13.388 -3.774  1.00 5.36  ? 38  LEU A CB  1 
ATOM   274 C CG  . LEU A 1 36 ? 6.485   -13.509 -3.056  1.00 7.69  ? 38  LEU A CG  1 
ATOM   275 C CD1 . LEU A 1 36 ? 7.612   -13.583 -4.046  1.00 10.76 ? 38  LEU A CD1 1 
ATOM   276 C CD2 . LEU A 1 36 ? 6.692   -12.338 -2.099  1.00 10.98 ? 38  LEU A CD2 1 
ATOM   277 N N   . LYS A 1 37 ? 1.885   -13.804 -3.856  1.00 7.42  ? 39  LYS A N   1 
ATOM   278 C CA  . LYS A 1 37 ? 0.577   -13.495 -4.435  1.00 6.98  ? 39  LYS A CA  1 
ATOM   279 C C   . LYS A 1 37 ? -0.287  -12.740 -3.432  1.00 6.39  ? 39  LYS A C   1 
ATOM   280 O O   . LYS A 1 37 ? -1.053  -11.853 -3.810  1.00 6.63  ? 39  LYS A O   1 
ATOM   281 C CB  . LYS A 1 37 ? -0.142  -14.768 -4.871  1.00 9.28  ? 39  LYS A CB  1 
ATOM   282 C CG  . LYS A 1 37 ? 0.424   -15.399 -6.132  1.00 11.98 ? 39  LYS A CG  1 
ATOM   283 C CD  . LYS A 1 37 ? -0.386  -16.635 -6.509  1.00 23.43 ? 39  LYS A CD  1 
ATOM   284 C CE  . LYS A 1 37 ? 0.486   -17.679 -7.165  1.00 22.52 ? 39  LYS A CE  1 
ATOM   285 N NZ  . LYS A 1 37 ? -0.282  -18.894 -7.554  1.00 29.66 ? 39  LYS A NZ  1 
ATOM   286 N N   . HIS A 1 38 ? -0.174  -13.100 -2.157  1.00 5.78  ? 40  HIS A N   1 
ATOM   287 C CA  . HIS A 1 38 ? -0.924  -12.401 -1.116  1.00 8.49  ? 40  HIS A CA  1 
ATOM   288 C C   . HIS A 1 38 ? -0.430  -10.954 -0.987  1.00 7.58  ? 40  HIS A C   1 
ATOM   289 O O   . HIS A 1 38 ? -1.227  -10.030 -0.871  1.00 7.84  ? 40  HIS A O   1 
ATOM   290 C CB  . HIS A 1 38 ? -0.824  -13.135 0.224   1.00 9.41  ? 40  HIS A CB  1 
ATOM   291 C CG  . HIS A 1 38 ? -1.705  -12.561 1.297   1.00 18.98 ? 40  HIS A CG  1 
ATOM   292 N ND1 . HIS A 1 38 ? -1.207  -12.018 2.459   1.00 23.41 ? 40  HIS A ND1 1 
ATOM   293 C CD2 . HIS A 1 38 ? -3.052  -12.430 1.366   1.00 22.29 ? 40  HIS A CD2 1 
ATOM   294 C CE1 . HIS A 1 38 ? -2.207  -11.583 3.206   1.00 25.90 ? 40  HIS A CE1 1 
ATOM   295 N NE2 . HIS A 1 38 ? -3.337  -11.820 2.564   1.00 31.17 ? 40  HIS A NE2 1 
ATOM   296 N N   . VAL A 1 39 ? 0.886   -10.772 -1.007  1.00 5.97  ? 41  VAL A N   1 
ATOM   297 C CA  . VAL A 1 39 ? 1.475   -9.436  -0.985  1.00 5.81  ? 41  VAL A CA  1 
ATOM   298 C C   . VAL A 1 39 ? 0.995   -8.629  -2.190  1.00 7.06  ? 41  VAL A C   1 
ATOM   299 O O   . VAL A 1 39 ? 0.687   -7.441  -2.074  1.00 6.16  ? 41  VAL A O   1 
ATOM   300 C CB  . VAL A 1 39 ? 3.017   -9.481  -0.984  1.00 7.55  ? 41  VAL A CB  1 
ATOM   301 C CG1 . VAL A 1 39 ? 3.602   -8.073  -1.167  1.00 7.69  ? 41  VAL A CG1 1 
ATOM   302 C CG2 . VAL A 1 39 ? 3.543   -10.097 0.312   1.00 5.79  ? 41  VAL A CG2 1 
ATOM   303 N N   . GLU A 1 40 ? 0.927   -9.278  -3.349  1.00 4.96  ? 42  GLU A N   1 
ATOM   304 C CA  . GLU A 1 40 ? 0.462   -8.596  -4.560  1.00 6.64  ? 42  GLU A CA  1 
ATOM   305 C C   . GLU A 1 40 ? -1.005  -8.177  -4.436  1.00 7.71  ? 42  GLU A C   1 
ATOM   306 O O   . GLU A 1 40 ? -1.401  -7.087  -4.856  1.00 6.09  ? 42  GLU A O   1 
ATOM   307 C CB  . GLU A 1 40 ? 0.701   -9.477  -5.794  1.00 7.68  ? 42  GLU A CB  1 
ATOM   308 C CG  . GLU A 1 40 ? 2.184   -9.517  -6.198  1.00 8.81  ? 42  GLU A CG  1 
ATOM   309 C CD  . GLU A 1 40 ? 2.649   -10.873 -6.704  1.00 15.00 ? 42  GLU A CD  1 
ATOM   310 O OE1 . GLU A 1 40 ? 1.813   -11.675 -7.168  1.00 13.71 ? 42  GLU A OE1 1 
ATOM   311 O OE2 . GLU A 1 40 ? 3.869   -11.139 -6.622  1.00 18.60 ? 42  GLU A OE2 1 
ATOM   312 N N   . GLN A 1 41 ? -1.815  -9.031  -3.830  1.00 6.74  ? 43  GLN A N   1 
ATOM   313 C CA  . GLN A 1 41 ? -3.204  -8.673  -3.589  1.00 7.35  ? 43  GLN A CA  1 
ATOM   314 C C   . GLN A 1 41 ? -3.307  -7.470  -2.656  1.00 8.31  ? 43  GLN A C   1 
ATOM   315 O O   . GLN A 1 41 ? -4.130  -6.572  -2.868  1.00 6.64  ? 43  GLN A O   1 
ATOM   316 C CB  . GLN A 1 41 ? -3.949  -9.857  -2.991  1.00 8.64  ? 43  GLN A CB  1 
ATOM   317 C CG  . GLN A 1 41 ? -5.386  -9.564  -2.621  1.00 12.46 ? 43  GLN A CG  1 
ATOM   318 C CD  . GLN A 1 41 ? -6.014  -10.700 -1.843  1.00 18.55 ? 43  GLN A CD  1 
ATOM   319 O OE1 . GLN A 1 41 ? -6.366  -10.549 -0.672  1.00 33.45 ? 43  GLN A OE1 1 
ATOM   320 N NE2 . GLN A 1 41 ? -6.138  -11.854 -2.484  1.00 23.35 ? 43  GLN A NE2 1 
ATOM   321 N N   . GLN A 1 42 ? -2.480  -7.458  -1.617  1.00 6.01  ? 44  GLN A N   1 
ATOM   322 C CA  . GLN A 1 42 ? -2.490  -6.348  -0.662  1.00 7.02  ? 44  GLN A CA  1 
ATOM   323 C C   . GLN A 1 42 ? -1.983  -5.053  -1.312  1.00 6.71  ? 44  GLN A C   1 
ATOM   324 O O   . GLN A 1 42 ? -2.515  -3.966  -1.070  1.00 5.43  ? 44  GLN A O   1 
ATOM   325 C CB  . GLN A 1 42 ? -1.681  -6.703  0.578   1.00 6.67  ? 44  GLN A CB  1 
ATOM   326 C CG  . GLN A 1 42 ? -2.384  -7.698  1.494   1.00 10.07 ? 44  GLN A CG  1 
ATOM   327 C CD  . GLN A 1 42 ? -1.573  -8.014  2.734   1.00 14.12 ? 44  GLN A CD  1 
ATOM   328 O OE1 . GLN A 1 42 ? -0.375  -8.259  2.652   1.00 17.00 ? 44  GLN A OE1 1 
ATOM   329 N NE2 . GLN A 1 42 ? -2.229  -8.031  3.883   1.00 17.05 ? 44  GLN A NE2 1 
ATOM   330 N N   . GLN A 1 43 ? -0.977  -5.176  -2.168  1.00 5.44  ? 45  GLN A N   1 
ATOM   331 C CA  . GLN A 1 43 ? -0.532  -4.040  -2.970  1.00 5.28  ? 45  GLN A CA  1 
ATOM   332 C C   . GLN A 1 43 ? -1.711  -3.443  -3.757  1.00 5.45  ? 45  GLN A C   1 
ATOM   333 O O   . GLN A 1 43 ? -1.904  -2.233  -3.781  1.00 3.78  ? 45  GLN A O   1 
ATOM   334 C CB  . GLN A 1 43 ? 0.591   -4.458  -3.922  1.00 6.38  ? 45  GLN A CB  1 
ATOM   335 C CG  . GLN A 1 43 ? 1.098   -3.313  -4.814  1.00 7.91  ? 45  GLN A CG  1 
ATOM   336 C CD  . GLN A 1 43 ? 2.051   -3.787  -5.895  1.00 14.63 ? 45  GLN A CD  1 
ATOM   337 O OE1 . GLN A 1 43 ? 1.786   -3.611  -7.082  1.00 20.34 ? 45  GLN A OE1 1 
ATOM   338 N NE2 . GLN A 1 43 ? 3.160   -4.395  -5.490  1.00 15.20 ? 45  GLN A NE2 1 
ATOM   339 N N   . ASP A 1 44 ? -2.506  -4.302  -4.390  1.00 3.90  ? 46  ASP A N   1 
ATOM   340 C CA  . ASP A 1 44 ? -3.690  -3.839  -5.112  1.00 8.23  ? 46  ASP A CA  1 
ATOM   341 C C   . ASP A 1 44 ? -4.715  -3.175  -4.188  1.00 5.55  ? 46  ASP A C   1 
ATOM   342 O O   . ASP A 1 44 ? -5.303  -2.158  -4.545  1.00 5.49  ? 46  ASP A O   1 
ATOM   343 C CB  . ASP A 1 44 ? -4.343  -4.990  -5.883  1.00 6.05  ? 46  ASP A CB  1 
ATOM   344 C CG  . ASP A 1 44 ? -3.436  -5.561  -6.965  1.00 11.09 ? 46  ASP A CG  1 
ATOM   345 O OD1 . ASP A 1 44 ? -2.467  -4.882  -7.366  1.00 13.75 ? 46  ASP A OD1 1 
ATOM   346 O OD2 . ASP A 1 44 ? -3.701  -6.694  -7.410  1.00 15.30 ? 46  ASP A OD2 1 
ATOM   347 N N   . GLU A 1 45 ? -4.919  -3.744  -3.002  1.00 7.62  ? 47  GLU A N   1 
ATOM   348 C CA  . GLU A 1 45 ? -5.836  -3.157  -2.023  1.00 4.05  ? 47  GLU A CA  1 
ATOM   349 C C   . GLU A 1 45 ? -5.373  -1.766  -1.622  1.00 5.45  ? 47  GLU A C   1 
ATOM   350 O O   . GLU A 1 45 ? -6.188  -0.866  -1.433  1.00 5.49  ? 47  GLU A O   1 
ATOM   351 C CB  . GLU A 1 45 ? -5.950  -4.045  -0.775  1.00 7.85  ? 47  GLU A CB  1 
ATOM   352 C CG  . GLU A 1 45 ? -6.646  -5.394  -1.025  1.00 11.45 ? 47  GLU A CG  1 
ATOM   353 C CD  . GLU A 1 45 ? -6.443  -6.383  0.116   1.00 19.38 ? 47  GLU A CD  1 
ATOM   354 O OE1 . GLU A 1 45 ? -5.952  -5.965  1.182   1.00 15.64 ? 47  GLU A OE1 1 
ATOM   355 O OE2 . GLU A 1 45 ? -6.767  -7.581  -0.060  1.00 26.22 ? 47  GLU A OE2 1 
ATOM   356 N N   . LEU A 1 46 ? -4.064  -1.601  -1.477  1.00 3.75  ? 48  LEU A N   1 
ATOM   357 C CA  . LEU A 1 46 ? -3.468  -0.296  -1.168  1.00 3.48  ? 48  LEU A CA  1 
ATOM   358 C C   . LEU A 1 46 ? -3.753  0.764   -2.229  1.00 3.98  ? 48  LEU A C   1 
ATOM   359 O O   . LEU A 1 46 ? -4.118  1.896   -1.900  1.00 4.56  ? 48  LEU A O   1 
ATOM   360 C CB  . LEU A 1 46 ? -1.954  -0.430  -0.971  1.00 5.06  ? 48  LEU A CB  1 
ATOM   361 C CG  . LEU A 1 46 ? -1.580  -1.205  0.294   1.00 4.37  ? 48  LEU A CG  1 
ATOM   362 C CD1 . LEU A 1 46 ? -0.066  -1.371  0.398   1.00 6.92  ? 48  LEU A CD1 1 
ATOM   363 C CD2 . LEU A 1 46 ? -2.128  -0.500  1.519   1.00 5.13  ? 48  LEU A CD2 1 
ATOM   364 N N   . PHE A 1 47 ? -3.565  0.409   -3.497  1.00 4.53  ? 49  PHE A N   1 
ATOM   365 C CA  . PHE A 1 47 ? -3.962  1.298   -4.595  1.00 5.51  ? 49  PHE A CA  1 
ATOM   366 C C   . PHE A 1 47 ? -5.466  1.563   -4.599  1.00 5.13  ? 49  PHE A C   1 
ATOM   367 O O   . PHE A 1 47 ? -5.903  2.682   -4.849  1.00 7.92  ? 49  PHE A O   1 
ATOM   368 C CB  . PHE A 1 47 ? -3.534  0.729   -5.951  1.00 3.46  ? 49  PHE A CB  1 
ATOM   369 C CG  . PHE A 1 47 ? -2.075  0.931   -6.255  1.00 7.08  ? 49  PHE A CG  1 
ATOM   370 C CD1 . PHE A 1 47 ? -1.593  2.185   -6.582  1.00 8.30  ? 49  PHE A CD1 1 
ATOM   371 C CD2 . PHE A 1 47 ? -1.188  -0.142  -6.232  1.00 8.27  ? 49  PHE A CD2 1 
ATOM   372 C CE1 . PHE A 1 47 ? -0.241  2.374   -6.869  1.00 11.32 ? 49  PHE A CE1 1 
ATOM   373 C CE2 . PHE A 1 47 ? 0.163   0.043   -6.513  1.00 8.86  ? 49  PHE A CE2 1 
ATOM   374 C CZ  . PHE A 1 47 ? 0.633   1.301   -6.827  1.00 7.50  ? 49  PHE A CZ  1 
ATOM   375 N N   . ASP A 1 48 ? -6.253  0.526   -4.344  1.00 5.26  ? 50  ASP A N   1 
ATOM   376 C CA  . ASP A 1 48 ? -7.712  0.674   -4.215  1.00 7.44  ? 50  ASP A CA  1 
ATOM   377 C C   . ASP A 1 48 ? -8.073  1.682   -3.127  1.00 6.72  ? 50  ASP A C   1 
ATOM   378 O O   . ASP A 1 48 ? -8.952  2.522   -3.305  1.00 4.70  ? 50  ASP A O   1 
ATOM   379 C CB  . ASP A 1 48 ? -8.348  -0.660  -3.828  1.00 9.73  ? 50  ASP A CB  1 
ATOM   380 C CG  . ASP A 1 48 ? -8.505  -1.611  -4.998  1.00 19.47 ? 50  ASP A CG  1 
ATOM   381 O OD1 . ASP A 1 48 ? -8.363  -1.174  -6.160  1.00 15.41 ? 50  ASP A OD1 1 
ATOM   382 O OD2 . ASP A 1 48 ? -8.798  -2.804  -4.740  1.00 18.23 ? 50  ASP A OD2 1 
ATOM   383 N N   . LEU A 1 49 ? -7.418  1.565   -1.978  1.00 5.40  ? 51  LEU A N   1 
ATOM   384 C CA  . LEU A 1 49 ? -7.685  2.483   -0.878  1.00 7.55  ? 51  LEU A CA  1 
ATOM   385 C C   . LEU A 1 49 ? -7.289  3.914   -1.221  1.00 6.74  ? 51  LEU A C   1 
ATOM   386 O O   . LEU A 1 49 ? -8.017  4.847   -0.892  1.00 5.51  ? 51  LEU A O   1 
ATOM   387 C CB  . LEU A 1 49 ? -7.013  2.013   0.412   1.00 5.02  ? 51  LEU A CB  1 
ATOM   388 C CG  . LEU A 1 49 ? -7.737  0.875   1.139   1.00 8.37  ? 51  LEU A CG  1 
ATOM   389 C CD1 . LEU A 1 49 ? -6.761  0.061   1.995   1.00 5.34  ? 51  LEU A CD1 1 
ATOM   390 C CD2 . LEU A 1 49 ? -8.890  1.421   1.985   1.00 8.27  ? 51  LEU A CD2 1 
ATOM   391 N N   . LEU A 1 50 ? -6.151  4.087   -1.892  1.00 5.96  ? 52  LEU A N   1 
ATOM   392 C CA  . LEU A 1 50 ? -5.743  5.410   -2.365  1.00 5.34  ? 52  LEU A CA  1 
ATOM   393 C C   . LEU A 1 50 ? -6.813  6.037   -3.265  1.00 7.19  ? 52  LEU A C   1 
ATOM   394 O O   . LEU A 1 50 ? -7.132  7.214   -3.129  1.00 5.84  ? 52  LEU A O   1 
ATOM   395 C CB  . LEU A 1 50 ? -4.418  5.344   -3.133  1.00 6.91  ? 52  LEU A CB  1 
ATOM   396 C CG  . LEU A 1 50 ? -3.123  5.121   -2.356  1.00 12.87 ? 52  LEU A CG  1 
ATOM   397 C CD1 . LEU A 1 50 ? -1.929  5.306   -3.303  1.00 15.66 ? 52  LEU A CD1 1 
ATOM   398 C CD2 . LEU A 1 50 ? -3.021  6.077   -1.168  1.00 11.52 ? 52  LEU A CD2 1 
ATOM   399 N N   . ASP A 1 51 ? -7.343  5.248   -4.199  1.00 6.55  ? 53  ASP A N   1 
ATOM   400 C CA  . ASP A 1 51 ? -8.431  5.699   -5.073  1.00 4.88  ? 53  ASP A CA  1 
ATOM   401 C C   . ASP A 1 51 ? -9.663  6.145   -4.265  1.00 7.41  ? 53  ASP A C   1 
ATOM   402 O O   . ASP A 1 51 ? -10.243 7.196   -4.526  1.00 6.60  ? 53  ASP A O   1 
ATOM   403 C CB  . ASP A 1 51 ? -8.825  4.581   -6.044  1.00 5.46  ? 53  ASP A CB  1 
ATOM   404 C CG  . ASP A 1 51 ? -7.769  4.322   -7.112  1.00 10.84 ? 53  ASP A CG  1 
ATOM   405 O OD1 . ASP A 1 51 ? -6.756  5.054   -7.161  1.00 12.07 ? 53  ASP A OD1 1 
ATOM   406 O OD2 . ASP A 1 51 ? -7.957  3.377   -7.912  1.00 18.06 ? 53  ASP A OD2 1 
ATOM   407 N N   . GLN A 1 52 ? -10.062 5.337   -3.290  1.00 5.62  ? 54  GLN A N   1 
ATOM   408 C CA  . GLN A 1 52 ? -11.200 5.678   -2.433  1.00 4.87  ? 54  GLN A CA  1 
ATOM   409 C C   . GLN A 1 52 ? -10.940 6.943   -1.608  1.00 4.17  ? 54  GLN A C   1 
ATOM   410 O O   . GLN A 1 52 ? -11.822 7.777   -1.434  1.00 4.25  ? 54  GLN A O   1 
ATOM   411 C CB  . GLN A 1 52 ? -11.552 4.491   -1.534  1.00 7.80  ? 54  GLN A CB  1 
ATOM   412 C CG  . GLN A 1 52 ? -12.067 3.285   -2.326  1.00 7.12  ? 54  GLN A CG  1 
ATOM   413 C CD  . GLN A 1 52 ? -12.126 1.992   -1.514  1.00 14.30 ? 54  GLN A CD  1 
ATOM   414 O OE1 . GLN A 1 52 ? -11.509 1.871   -0.459  1.00 16.50 ? 54  GLN A OE1 1 
ATOM   415 N NE2 . GLN A 1 52 ? -12.867 1.015   -2.022  1.00 17.39 ? 54  GLN A NE2 1 
ATOM   416 N N   . MET A 1 53 ? -9.726  7.095   -1.099  1.00 4.51  ? 55  MET A N   1 
ATOM   417 C CA  . MET A 1 53 ? -9.389  8.315   -0.370  1.00 3.77  ? 55  MET A CA  1 
ATOM   418 C C   . MET A 1 53 ? -9.392  9.572   -1.253  1.00 5.75  ? 55  MET A C   1 
ATOM   419 O O   . MET A 1 53 ? -9.876  10.623  -0.835  1.00 6.12  ? 55  MET A O   1 
ATOM   420 C CB  . MET A 1 53 ? -8.057  8.133   0.357   1.00 4.93  ? 55  MET A CB  1 
ATOM   421 C CG  . MET A 1 53 ? -8.198  7.193   1.553   1.00 4.54  ? 55  MET A CG  1 
ATOM   422 S SD  . MET A 1 53 ? -6.696  7.003   2.528   1.00 8.26  ? 55  MET A SD  1 
ATOM   423 C CE  . MET A 1 53 ? -5.668  6.046   1.412   1.00 7.39  ? 55  MET A CE  1 
ATOM   424 N N   . ASP A 1 54 ? -8.849  9.464   -2.463  1.00 9.31  ? 56  ASP A N   1 
ATOM   425 C CA  . ASP A 1 54 ? -8.871  10.575  -3.419  1.00 8.02  ? 56  ASP A CA  1 
ATOM   426 C C   . ASP A 1 54 ? -10.302 11.065  -3.622  1.00 8.78  ? 56  ASP A C   1 
ATOM   427 O O   . ASP A 1 54 ? -10.563 12.264  -3.600  1.00 5.94  ? 56  ASP A O   1 
ATOM   428 C CB  . ASP A 1 54 ? -8.318  10.142  -4.787  1.00 8.09  ? 56  ASP A CB  1 
ATOM   429 C CG  . ASP A 1 54 ? -6.806  10.011  -4.809  1.00 16.73 ? 56  ASP A CG  1 
ATOM   430 O OD1 . ASP A 1 54 ? -6.130  10.628  -3.961  1.00 19.61 ? 56  ASP A OD1 1 
ATOM   431 O OD2 . ASP A 1 54 ? -6.287  9.292   -5.689  1.00 17.76 ? 56  ASP A OD2 1 
ATOM   432 N N   . VAL A 1 55 ? -11.214 10.125  -3.847  1.00 6.10  ? 57  VAL A N   1 
ATOM   433 C CA  . VAL A 1 55 ? -12.613 10.452  -4.104  1.00 5.42  ? 57  VAL A CA  1 
ATOM   434 C C   . VAL A 1 55 ? -13.240 11.087  -2.869  1.00 12.10 ? 57  VAL A C   1 
ATOM   435 O O   . VAL A 1 55 ? -13.937 12.097  -2.967  1.00 7.33  ? 57  VAL A O   1 
ATOM   436 C CB  . VAL A 1 55 ? -13.430 9.210   -4.518  1.00 6.17  ? 57  VAL A CB  1 
ATOM   437 C CG1 . VAL A 1 55 ? -14.926 9.513   -4.479  1.00 13.53 ? 57  VAL A CG1 1 
ATOM   438 C CG2 . VAL A 1 55 ? -13.023 8.747   -5.904  1.00 10.94 ? 57  VAL A CG2 1 
ATOM   439 N N   . GLU A 1 56 ? -12.974 10.498  -1.708  1.00 7.53  ? 58  GLU A N   1 
ATOM   440 C CA  . GLU A 1 56 ? -13.553 10.989  -0.456  1.00 11.47 ? 58  GLU A CA  1 
ATOM   441 C C   . GLU A 1 56 ? -12.991 12.348  -0.037  1.00 10.29 ? 58  GLU A C   1 
ATOM   442 O O   . GLU A 1 56 ? -13.708 13.191  0.507   1.00 10.22 ? 58  GLU A O   1 
ATOM   443 C CB  . GLU A 1 56 ? -13.354 9.965   0.659   1.00 9.86  ? 58  GLU A CB  1 
ATOM   444 C CG  . GLU A 1 56 ? -14.063 10.317  1.956   1.00 12.11 ? 58  GLU A CG  1 
ATOM   445 C CD  . GLU A 1 56 ? -15.574 10.309  1.827   1.00 15.06 ? 58  GLU A CD  1 
ATOM   446 O OE1 . GLU A 1 56 ? -16.241 10.844  2.734   1.00 21.15 ? 58  GLU A OE1 1 
ATOM   447 O OE2 . GLU A 1 56 ? -16.100 9.771   0.829   1.00 20.27 ? 58  GLU A OE2 1 
ATOM   448 N N   . VAL A 1 57 ? -11.707 12.564  -0.283  1.00 6.05  ? 59  VAL A N   1 
ATOM   449 C CA  . VAL A 1 57 ? -11.125 13.871  -0.035  1.00 6.96  ? 59  VAL A CA  1 
ATOM   450 C C   . VAL A 1 57 ? -11.804 14.890  -0.943  1.00 10.86 ? 59  VAL A C   1 
ATOM   451 O O   . VAL A 1 57 ? -12.255 15.943  -0.492  1.00 14.43 ? 59  VAL A O   1 
ATOM   452 C CB  . VAL A 1 57 ? -9.602  13.871  -0.273  1.00 7.92  ? 59  VAL A CB  1 
ATOM   453 C CG1 . VAL A 1 57 ? -9.077  15.304  -0.367  1.00 13.49 ? 59  VAL A CG1 1 
ATOM   454 C CG2 . VAL A 1 57 ? -8.903  13.122  0.851   1.00 6.91  ? 59  VAL A CG2 1 
ATOM   455 N N   . ASN A 1 58 ? -11.902 14.546  -2.222  1.00 8.66  ? 60  ASN A N   1 
ATOM   456 C CA  . ASN A 1 58 ? -12.531 15.416  -3.215  1.00 12.11 ? 60  ASN A CA  1 
ATOM   457 C C   . ASN A 1 58 ? -13.972 15.752  -2.835  1.00 16.21 ? 60  ASN A C   1 
ATOM   458 O O   . ASN A 1 58 ? -14.431 16.873  -3.054  1.00 18.34 ? 60  ASN A O   1 
ATOM   459 C CB  . ASN A 1 58 ? -12.466 14.760  -4.596  1.00 10.26 ? 60  ASN A CB  1 
ATOM   460 C CG  . ASN A 1 58 ? -12.670 15.743  -5.738  1.00 15.91 ? 60  ASN A CG  1 
ATOM   461 O OD1 . ASN A 1 58 ? -12.007 16.781  -5.815  1.00 14.34 ? 60  ASN A OD1 1 
ATOM   462 N ND2 . ASN A 1 58 ? -13.564 15.396  -6.657  1.00 15.69 ? 60  ASN A ND2 1 
ATOM   463 N N   . ASN A 1 59 ? -14.682 14.793  -2.243  1.00 12.08 ? 61  ASN A N   1 
ATOM   464 C CA  . ASN A 1 59 ? -16.095 14.986  -1.905  1.00 13.08 ? 61  ASN A CA  1 
ATOM   465 C C   . ASN A 1 59 ? -16.362 15.674  -0.572  1.00 18.17 ? 61  ASN A C   1 
ATOM   466 O O   . ASN A 1 59 ? -17.390 16.336  -0.411  1.00 11.46 ? 61  ASN A O   1 
ATOM   467 C CB  . ASN A 1 59 ? -16.852 13.654  -1.902  1.00 19.47 ? 61  ASN A CB  1 
ATOM   468 C CG  . ASN A 1 59 ? -17.069 13.096  -3.288  1.00 18.74 ? 61  ASN A CG  1 
ATOM   469 O OD1 . ASN A 1 59 ? -16.871 13.782  -4.292  1.00 21.25 ? 61  ASN A OD1 1 
ATOM   470 N ND2 . ASN A 1 59 ? -17.471 11.832  -3.350  1.00 22.52 ? 61  ASN A ND2 1 
ATOM   471 N N   . SER A 1 60 ? -15.464 15.502  0.391   1.00 17.53 ? 62  SER A N   1 
ATOM   472 C CA  . SER A 1 60 ? -15.768 15.915  1.760   1.00 16.29 ? 62  SER A CA  1 
ATOM   473 C C   . SER A 1 60 ? -14.918 17.056  2.313   1.00 15.41 ? 62  SER A C   1 
ATOM   474 O O   . SER A 1 60 ? -15.246 17.621  3.354   1.00 23.70 ? 62  SER A O   1 
ATOM   475 C CB  . SER A 1 60 ? -15.703 14.709  2.703   1.00 20.09 ? 62  SER A CB  1 
ATOM   476 O OG  . SER A 1 60 ? -16.742 13.783  2.423   1.00 23.88 ? 62  SER A OG  1 
ATOM   477 N N   . ILE A 1 61 ? -13.830 17.397  1.635   1.00 16.35 ? 63  ILE A N   1 
ATOM   478 C CA  . ILE A 1 61 ? -12.940 18.438  2.139   1.00 18.64 ? 63  ILE A CA  1 
ATOM   479 C C   . ILE A 1 61 ? -12.964 19.668  1.230   1.00 16.56 ? 63  ILE A C   1 
ATOM   480 O O   . ILE A 1 61 ? -12.317 19.698  0.182   1.00 21.72 ? 63  ILE A O   1 
ATOM   481 C CB  . ILE A 1 61 ? -11.485 17.920  2.313   1.00 18.84 ? 63  ILE A CB  1 
ATOM   482 C CG1 . ILE A 1 61 ? -11.460 16.505  2.909   1.00 15.56 ? 63  ILE A CG1 1 
ATOM   483 C CG2 . ILE A 1 61 ? -10.685 18.872  3.180   1.00 27.08 ? 63  ILE A CG2 1 
ATOM   484 C CD1 . ILE A 1 61 ? -11.779 16.441  4.395   1.00 20.03 ? 63  ILE A CD1 1 
ATOM   485 N N   . GLY A 1 62 ? -13.722 20.682  1.637   1.00 18.46 ? 64  GLY A N   1 
ATOM   486 C CA  . GLY A 1 62 ? -13.971 21.840  0.800   1.00 16.81 ? 64  GLY A CA  1 
ATOM   487 C C   . GLY A 1 62 ? -12.896 22.911  0.827   1.00 20.97 ? 64  GLY A C   1 
ATOM   488 O O   . GLY A 1 62 ? -12.686 23.600  -0.171  1.00 26.33 ? 64  GLY A O   1 
ATOM   489 N N   . ASP A 1 63 ? -12.218 23.054  1.961   1.00 23.65 ? 65  ASP A N   1 
ATOM   490 C CA  . ASP A 1 63 ? -11.132 24.029  2.091   1.00 22.21 ? 65  ASP A CA  1 
ATOM   491 C C   . ASP A 1 63 ? -9.984  23.729  1.125   1.00 25.85 ? 65  ASP A C   1 
ATOM   492 O O   . ASP A 1 63 ? -9.403  22.648  1.167   1.00 21.07 ? 65  ASP A O   1 
ATOM   493 C CB  . ASP A 1 63 ? -10.613 24.053  3.530   1.00 28.99 ? 65  ASP A CB  1 
ATOM   494 N N   . ALA A 1 64 ? -9.658  24.695  0.269   1.00 23.48 ? 66  ALA A N   1 
ATOM   495 C CA  . ALA A 1 64 ? -8.650  24.506  -0.777  1.00 31.97 ? 66  ALA A CA  1 
ATOM   496 C C   . ALA A 1 64 ? -7.265  24.156  -0.228  1.00 32.48 ? 66  ALA A C   1 
ATOM   497 O O   . ALA A 1 64 ? -6.551  23.332  -0.805  1.00 20.42 ? 66  ALA A O   1 
ATOM   498 C CB  . ALA A 1 64 ? -8.571  25.746  -1.667  1.00 33.46 ? 66  ALA A CB  1 
ATOM   499 N N   . SER A 1 65 ? -6.893  24.790  0.881   1.00 32.84 ? 67  SER A N   1 
ATOM   500 C CA  . SER A 1 65 ? -5.596  24.561  1.512   1.00 31.33 ? 67  SER A CA  1 
ATOM   501 C C   . SER A 1 65 ? -5.526  23.201  2.199   1.00 32.33 ? 67  SER A C   1 
ATOM   502 O O   . SER A 1 65 ? -4.517  22.507  2.110   1.00 29.07 ? 67  SER A O   1 
ATOM   503 C CB  . SER A 1 65 ? -5.288  25.670  2.526   1.00 29.25 ? 67  SER A CB  1 
ATOM   504 O OG  . SER A 1 65 ? -4.915  26.873  1.875   1.00 38.89 ? 67  SER A OG  1 
ATOM   505 N N   . GLU A 1 66 ? -6.599  22.834  2.893   1.00 22.62 ? 68  GLU A N   1 
ATOM   506 C CA  . GLU A 1 66 ? -6.666  21.553  3.584   1.00 26.55 ? 68  GLU A CA  1 
ATOM   507 C C   . GLU A 1 66 ? -6.786  20.382  2.602   1.00 20.67 ? 68  GLU A C   1 
ATOM   508 O O   . GLU A 1 66 ? -6.335  19.272  2.882   1.00 18.52 ? 68  GLU A O   1 
ATOM   509 C CB  . GLU A 1 66 ? -7.823  21.553  4.583   1.00 26.35 ? 68  GLU A CB  1 
ATOM   510 C CG  . GLU A 1 66 ? -8.021  20.239  5.305   1.00 31.85 ? 68  GLU A CG  1 
ATOM   511 C CD  . GLU A 1 66 ? -8.910  20.376  6.522   1.00 41.60 ? 68  GLU A CD  1 
ATOM   512 O OE1 . GLU A 1 66 ? -10.140 20.209  6.387   1.00 46.45 ? 68  GLU A OE1 1 
ATOM   513 O OE2 . GLU A 1 66 ? -8.375  20.655  7.615   1.00 47.41 ? 68  GLU A OE2 1 
ATOM   514 N N   . ARG A 1 67 ? -7.384  20.641  1.446   1.00 16.42 ? 69  ARG A N   1 
ATOM   515 C CA  . ARG A 1 67 ? -7.425  19.657  0.377   1.00 19.04 ? 69  ARG A CA  1 
ATOM   516 C C   . ARG A 1 67 ? -6.016  19.418  -0.174  1.00 19.23 ? 69  ARG A C   1 
ATOM   517 O O   . ARG A 1 67 ? -5.608  18.276  -0.381  1.00 11.06 ? 69  ARG A O   1 
ATOM   518 C CB  . ARG A 1 67 ? -8.373  20.102  -0.741  1.00 17.47 ? 69  ARG A CB  1 
ATOM   519 C CG  . ARG A 1 67 ? -8.851  18.960  -1.639  1.00 20.42 ? 69  ARG A CG  1 
ATOM   520 N N   . ALA A 1 68 ? -5.271  20.500  -0.391  1.00 13.47 ? 70  ALA A N   1 
ATOM   521 C CA  . ALA A 1 68 ? -3.903  20.406  -0.896  1.00 18.83 ? 70  ALA A CA  1 
ATOM   522 C C   . ALA A 1 68 ? -3.003  19.608  0.053   1.00 12.31 ? 70  ALA A C   1 
ATOM   523 O O   . ALA A 1 68 ? -2.134  18.848  -0.383  1.00 13.46 ? 70  ALA A O   1 
ATOM   524 C CB  . ALA A 1 68 ? -3.333  21.803  -1.137  1.00 29.42 ? 70  ALA A CB  1 
ATOM   525 N N   . THR A 1 69 ? -3.227  19.780  1.350   1.00 14.11 ? 71  THR A N   1 
ATOM   526 C CA  . THR A 1 69 ? -2.499  19.033  2.369   1.00 15.36 ? 71  THR A CA  1 
ATOM   527 C C   . THR A 1 69 ? -2.821  17.540  2.305   1.00 19.93 ? 71  THR A C   1 
ATOM   528 O O   . THR A 1 69 ? -1.932  16.685  2.339   1.00 8.96  ? 71  THR A O   1 
ATOM   529 C CB  . THR A 1 69 ? -2.817  19.577  3.770   1.00 19.83 ? 71  THR A CB  1 
ATOM   530 O OG1 . THR A 1 69 ? -2.286  20.901  3.884   1.00 24.39 ? 71  THR A OG1 1 
ATOM   531 C CG2 . THR A 1 69 ? -2.204  18.692  4.856   1.00 18.95 ? 71  THR A CG2 1 
ATOM   532 N N   . TYR A 1 70 ? -4.102  17.221  2.209   1.00 12.32 ? 72  TYR A N   1 
ATOM   533 C CA  . TYR A 1 70 ? -4.480  15.834  2.099   1.00 11.84 ? 72  TYR A CA  1 
ATOM   534 C C   . TYR A 1 70 ? -3.912  15.226  0.825   1.00 10.31 ? 72  TYR A C   1 
ATOM   535 O O   . TYR A 1 70 ? -3.456  14.085  0.810   1.00 9.99  ? 72  TYR A O   1 
ATOM   536 C CB  . TYR A 1 70 ? -5.991  15.690  2.132   1.00 15.00 ? 72  TYR A CB  1 
ATOM   537 C CG  . TYR A 1 70 ? -6.427  14.891  3.307   1.00 16.69 ? 72  TYR A CG  1 
ATOM   538 C CD1 . TYR A 1 70 ? -6.261  13.520  3.317   1.00 23.23 ? 72  TYR A CD1 1 
ATOM   539 C CD2 . TYR A 1 70 ? -6.983  15.498  4.424   1.00 24.75 ? 72  TYR A CD2 1 
ATOM   540 C CE1 . TYR A 1 70 ? -6.646  12.768  4.395   1.00 24.31 ? 72  TYR A CE1 1 
ATOM   541 C CE2 . TYR A 1 70 ? -7.375  14.748  5.514   1.00 26.32 ? 72  TYR A CE2 1 
ATOM   542 C CZ  . TYR A 1 70 ? -7.202  13.382  5.490   1.00 26.27 ? 72  TYR A CZ  1 
ATOM   543 O OH  . TYR A 1 70 ? -7.585  12.611  6.565   1.00 34.49 ? 72  TYR A OH  1 
ATOM   544 N N   . LYS A 1 71 ? -3.936  16.005  -0.245  1.00 11.44 ? 73  LYS A N   1 
ATOM   545 C CA  . LYS A 1 71 ? -3.496  15.511  -1.530  1.00 12.85 ? 73  LYS A CA  1 
ATOM   546 C C   . LYS A 1 71 ? -1.994  15.270  -1.546  1.00 12.90 ? 73  LYS A C   1 
ATOM   547 O O   . LYS A 1 71 ? -1.528  14.348  -2.198  1.00 9.53  ? 73  LYS A O   1 
ATOM   548 C CB  . LYS A 1 71 ? -3.918  16.466  -2.647  1.00 15.16 ? 73  LYS A CB  1 
ATOM   549 C CG  . LYS A 1 71 ? -5.410  16.400  -2.955  1.00 17.66 ? 73  LYS A CG  1 
ATOM   550 N N   . ALA A 1 72 ? -1.236  16.086  -0.823  1.00 10.68 ? 74  ALA A N   1 
ATOM   551 C CA  . ALA A 1 72 ? 0.197   15.847  -0.708  1.00 10.07 ? 74  ALA A CA  1 
ATOM   552 C C   . ALA A 1 72 ? 0.468   14.549  0.072   1.00 6.83  ? 74  ALA A C   1 
ATOM   553 O O   . ALA A 1 72 ? 1.366   13.782  -0.265  1.00 7.83  ? 74  ALA A O   1 
ATOM   554 C CB  . ALA A 1 72 ? 0.893   17.045  -0.044  1.00 11.15 ? 74  ALA A CB  1 
ATOM   555 N N   . LYS A 1 73 ? -0.308  14.317  1.122   1.00 6.96  ? 75  LYS A N   1 
ATOM   556 C CA  . LYS A 1 73 ? -0.135  13.132  1.951   1.00 6.82  ? 75  LYS A CA  1 
ATOM   557 C C   . LYS A 1 73 ? -0.400  11.870  1.119   1.00 9.15  ? 75  LYS A C   1 
ATOM   558 O O   . LYS A 1 73 ? 0.363   10.910  1.186   1.00 4.79  ? 75  LYS A O   1 
ATOM   559 C CB  . LYS A 1 73 ? -1.065  13.185  3.169   1.00 7.11  ? 75  LYS A CB  1 
ATOM   560 C CG  . LYS A 1 73 ? -0.825  12.055  4.187   1.00 7.51  ? 75  LYS A CG  1 
ATOM   561 C CD  . LYS A 1 73 ? -1.612  12.258  5.481   1.00 14.32 ? 75  LYS A CD  1 
ATOM   562 C CE  . LYS A 1 73 ? -3.089  11.974  5.300   1.00 16.41 ? 75  LYS A CE  1 
ATOM   563 N NZ  . LYS A 1 73 ? -3.867  12.171  6.565   1.00 25.68 ? 75  LYS A NZ  1 
ATOM   564 N N   . LEU A 1 74 ? -1.461  11.903  0.309   1.00 7.15  ? 76  LEU A N   1 
ATOM   565 C CA  . LEU A 1 74 ? -1.860  10.743  -0.487  1.00 7.31  ? 76  LEU A CA  1 
ATOM   566 C C   . LEU A 1 74 ? -0.817  10.450  -1.563  1.00 5.85  ? 76  LEU A C   1 
ATOM   567 O O   . LEU A 1 74 ? -0.519  9.296   -1.865  1.00 4.23  ? 76  LEU A O   1 
ATOM   568 C CB  . LEU A 1 74 ? -3.247  10.961  -1.101  1.00 9.21  ? 76  LEU A CB  1 
ATOM   569 C CG  . LEU A 1 74 ? -4.384  10.960  -0.069  1.00 8.29  ? 76  LEU A CG  1 
ATOM   570 C CD1 . LEU A 1 74 ? -5.733  11.275  -0.717  1.00 12.65 ? 76  LEU A CD1 1 
ATOM   571 C CD2 . LEU A 1 74 ? -4.445  9.628   0.663   1.00 12.77 ? 76  LEU A CD2 1 
ATOM   572 N N   . ARG A 1 75 ? -0.240  11.510  -2.109  1.00 4.80  ? 77  ARG A N   1 
ATOM   573 C CA  . ARG A 1 75 ? 0.842   11.388  -3.081  1.00 8.23  ? 77  ARG A CA  1 
ATOM   574 C C   . ARG A 1 75 ? 2.080   10.731  -2.443  1.00 8.20  ? 77  ARG A C   1 
ATOM   575 O O   . ARG A 1 75 ? 2.709   9.858   -3.039  1.00 4.66  ? 77  ARG A O   1 
ATOM   576 C CB  . ARG A 1 75 ? 1.177   12.768  -3.651  1.00 9.48  ? 77  ARG A CB  1 
ATOM   577 C CG  . ARG A 1 75 ? 2.406   12.802  -4.537  1.00 22.41 ? 77  ARG A CG  1 
ATOM   578 N N   . GLU A 1 76 ? 2.416   11.135  -1.225  1.00 6.12  ? 78  GLU A N   1 
ATOM   579 C CA  . GLU A 1 76 ? 3.505   10.477  -0.499  1.00 5.59  ? 78  GLU A CA  1 
ATOM   580 C C   . GLU A 1 76 ? 3.156   9.018   -0.150  1.00 5.14  ? 78  GLU A C   1 
ATOM   581 O O   . GLU A 1 76 ? 4.028   8.144   -0.127  1.00 4.80  ? 78  GLU A O   1 
ATOM   582 C CB  . GLU A 1 76 ? 3.906   11.284  0.746   1.00 5.95  ? 78  GLU A CB  1 
ATOM   583 C CG  . GLU A 1 76 ? 5.074   10.682  1.532   1.00 6.87  ? 78  GLU A CG  1 
ATOM   584 C CD  . GLU A 1 76 ? 6.397   10.740  0.774   1.00 16.24 ? 78  GLU A CD  1 
ATOM   585 O OE1 . GLU A 1 76 ? 7.337   10.037  1.187   1.00 13.14 ? 78  GLU A OE1 1 
ATOM   586 O OE2 . GLU A 1 76 ? 6.505   11.498  -0.220  1.00 12.69 ? 78  GLU A OE2 1 
ATOM   587 N N   . TRP A 1 77 ? 1.879   8.743   0.095   1.00 5.21  ? 79  TRP A N   1 
ATOM   588 C CA  . TRP A 1 77 ? 1.450   7.370   0.379   1.00 3.91  ? 79  TRP A CA  1 
ATOM   589 C C   . TRP A 1 77 ? 1.570   6.486   -0.856  1.00 4.40  ? 79  TRP A C   1 
ATOM   590 O O   . TRP A 1 77 ? 1.888   5.307   -0.759  1.00 5.03  ? 79  TRP A O   1 
ATOM   591 C CB  . TRP A 1 77 ? 0.023   7.336   0.931   1.00 3.75  ? 79  TRP A CB  1 
ATOM   592 C CG  . TRP A 1 77 ? -0.044  7.766   2.376   1.00 4.23  ? 79  TRP A CG  1 
ATOM   593 C CD1 . TRP A 1 77 ? 0.962   8.339   3.110   1.00 5.05  ? 79  TRP A CD1 1 
ATOM   594 C CD2 . TRP A 1 77 ? -1.173  7.665   3.254   1.00 9.33  ? 79  TRP A CD2 1 
ATOM   595 N NE1 . TRP A 1 77 ? 0.525   8.592   4.393   1.00 6.68  ? 79  TRP A NE1 1 
ATOM   596 C CE2 . TRP A 1 77 ? -0.784  8.194   4.503   1.00 5.40  ? 79  TRP A CE2 1 
ATOM   597 C CE3 . TRP A 1 77 ? -2.481  7.186   3.100   1.00 7.44  ? 79  TRP A CE3 1 
ATOM   598 C CZ2 . TRP A 1 77 ? -1.652  8.256   5.595   1.00 7.55  ? 79  TRP A CZ2 1 
ATOM   599 C CZ3 . TRP A 1 77 ? -3.344  7.242   4.187   1.00 10.54 ? 79  TRP A CZ3 1 
ATOM   600 C CH2 . TRP A 1 77 ? -2.922  7.776   5.423   1.00 14.40 ? 79  TRP A CH2 1 
ATOM   601 N N   . LYS A 1 78 ? 1.307   7.057   -2.019  1.00 5.58  ? 80  LYS A N   1 
ATOM   602 C CA  . LYS A 1 78 ? 1.501   6.318   -3.259  1.00 6.92  ? 80  LYS A CA  1 
ATOM   603 C C   . LYS A 1 78 ? 2.974   5.979   -3.448  1.00 6.55  ? 80  LYS A C   1 
ATOM   604 O O   . LYS A 1 78 ? 3.316   4.854   -3.822  1.00 5.79  ? 80  LYS A O   1 
ATOM   605 C CB  . LYS A 1 78 ? 0.963   7.104   -4.458  1.00 5.45  ? 80  LYS A CB  1 
ATOM   606 C CG  . LYS A 1 78 ? 0.882   6.257   -5.738  1.00 11.48 ? 80  LYS A CG  1 
ATOM   607 C CD  . LYS A 1 78 ? 0.291   7.028   -6.912  1.00 10.01 ? 80  LYS A CD  1 
ATOM   608 C CE  . LYS A 1 78 ? 0.053   6.086   -8.100  1.00 15.10 ? 80  LYS A CE  1 
ATOM   609 N NZ  . LYS A 1 78 ? -0.479  6.799   -9.289  1.00 10.18 ? 80  LYS A NZ  1 
ATOM   610 N N   . LYS A 1 79 ? 3.849   6.945   -3.178  1.00 5.52  ? 81  LYS A N   1 
ATOM   611 C CA  . LYS A 1 79 ? 5.296   6.704   -3.235  1.00 6.18  ? 81  LYS A CA  1 
ATOM   612 C C   . LYS A 1 79 ? 5.738   5.648   -2.232  1.00 6.03  ? 81  LYS A C   1 
ATOM   613 O O   . LYS A 1 79 ? 6.705   4.921   -2.471  1.00 8.60  ? 81  LYS A O   1 
ATOM   614 C CB  . LYS A 1 79 ? 6.089   7.996   -2.976  1.00 5.99  ? 81  LYS A CB  1 
ATOM   615 C CG  . LYS A 1 79 ? 5.915   9.056   -4.053  1.00 16.33 ? 81  LYS A CG  1 
ATOM   616 C CD  . LYS A 1 79 ? 6.501   10.395  -3.612  1.00 22.67 ? 81  LYS A CD  1 
ATOM   617 C CE  . LYS A 1 79 ? 7.981   10.274  -3.269  1.00 22.36 ? 81  LYS A CE  1 
ATOM   618 N NZ  . LYS A 1 79 ? 8.525   11.563  -2.741  1.00 33.07 ? 81  LYS A NZ  1 
ATOM   619 N N   . THR A 1 80 ? 5.037   5.567   -1.109  1.00 4.53  ? 82  THR A N   1 
ATOM   620 C CA  . THR A 1 80 ? 5.366   4.585   -0.075  1.00 6.57  ? 82  THR A CA  1 
ATOM   621 C C   . THR A 1 80 ? 5.015   3.156   -0.503  1.00 7.89  ? 82  THR A C   1 
ATOM   622 O O   . THR A 1 80 ? 5.735   2.205   -0.177  1.00 6.22  ? 82  THR A O   1 
ATOM   623 C CB  . THR A 1 80 ? 4.688   4.940   1.265   1.00 7.35  ? 82  THR A CB  1 
ATOM   624 O OG1 . THR A 1 80 ? 5.083   6.261   1.642   1.00 6.43  ? 82  THR A OG1 1 
ATOM   625 C CG2 . THR A 1 80 ? 5.116   3.974   2.363   1.00 6.21  ? 82  THR A CG2 1 
ATOM   626 N N   . ILE A 1 81 ? 3.920   2.999   -1.246  1.00 6.44  ? 83  ILE A N   1 
ATOM   627 C CA  . ILE A 1 81 ? 3.601   1.697   -1.819  1.00 4.93  ? 83  ILE A CA  1 
ATOM   628 C C   . ILE A 1 81 ? 4.747   1.287   -2.725  1.00 7.14  ? 83  ILE A C   1 
ATOM   629 O O   . ILE A 1 81 ? 5.167   0.129   -2.755  1.00 7.97  ? 83  ILE A O   1 
ATOM   630 C CB  . ILE A 1 81 ? 2.322   1.735   -2.671  1.00 7.12  ? 83  ILE A CB  1 
ATOM   631 C CG1 . ILE A 1 81 ? 1.116   2.154   -1.823  1.00 3.77  ? 83  ILE A CG1 1 
ATOM   632 C CG2 . ILE A 1 81 ? 2.080   0.376   -3.314  1.00 10.74 ? 83  ILE A CG2 1 
ATOM   633 C CD1 . ILE A 1 81 ? -0.171  2.260   -2.626  1.00 6.86  ? 83  ILE A CD1 1 
ATOM   634 N N   . GLN A 1 82 ? 5.251   2.248   -3.481  1.00 6.63  ? 84  GLN A N   1 
ATOM   635 C CA  . GLN A 1 82 ? 6.330   1.972   -4.415  1.00 7.68  ? 84  GLN A CA  1 
ATOM   636 C C   . GLN A 1 82 ? 7.635   1.627   -3.683  1.00 9.34  ? 84  GLN A C   1 
ATOM   637 O O   . GLN A 1 82 ? 8.317   0.667   -4.032  1.00 8.48  ? 84  GLN A O   1 
ATOM   638 C CB  . GLN A 1 82 ? 6.492   3.143   -5.391  1.00 13.86 ? 84  GLN A CB  1 
ATOM   639 C CG  . GLN A 1 82 ? 5.236   3.352   -6.243  1.00 18.97 ? 84  GLN A CG  1 
ATOM   640 C CD  . GLN A 1 82 ? 5.140   4.719   -6.901  1.00 21.55 ? 84  GLN A CD  1 
ATOM   641 O OE1 . GLN A 1 82 ? 5.865   5.653   -6.555  1.00 28.37 ? 84  GLN A OE1 1 
ATOM   642 N NE2 . GLN A 1 82 ? 4.231   4.842   -7.858  1.00 33.13 ? 84  GLN A NE2 1 
ATOM   643 N N   . SER A 1 83 ? 7.959   2.376   -2.638  1.00 7.68  ? 85  SER A N   1 
ATOM   644 C CA  . SER A 1 83 ? 9.222   2.159   -1.934  1.00 12.35 ? 85  SER A CA  1 
ATOM   645 C C   . SER A 1 83 ? 9.183   0.961   -0.985  1.00 11.48 ? 85  SER A C   1 
ATOM   646 O O   . SER A 1 83 ? 10.175  0.258   -0.827  1.00 8.81  ? 85  SER A O   1 
ATOM   647 C CB  . SER A 1 83 ? 9.630   3.412   -1.158  1.00 13.93 ? 85  SER A CB  1 
ATOM   648 O OG  . SER A 1 83 ? 8.728   3.644   -0.094  1.00 14.64 ? 85  SER A OG  1 
ATOM   649 N N   . ASP A 1 84 ? 8.043   0.743   -0.343  1.00 7.65  ? 86  ASP A N   1 
ATOM   650 C CA  . ASP A 1 84 ? 7.953   -0.264  0.705   1.00 9.60  ? 86  ASP A CA  1 
ATOM   651 C C   . ASP A 1 84 ? 7.436   -1.618  0.225   1.00 7.82  ? 86  ASP A C   1 
ATOM   652 O O   . ASP A 1 84 ? 7.716   -2.633  0.857   1.00 6.83  ? 86  ASP A O   1 
ATOM   653 C CB  . ASP A 1 84 ? 7.075   0.222   1.860   1.00 6.40  ? 86  ASP A CB  1 
ATOM   654 C CG  . ASP A 1 84 ? 7.729   1.344   2.667   1.00 18.26 ? 86  ASP A CG  1 
ATOM   655 O OD1 . ASP A 1 84 ? 8.669   1.992   2.157   1.00 21.15 ? 86  ASP A OD1 1 
ATOM   656 O OD2 . ASP A 1 84 ? 7.284   1.590   3.809   1.00 16.09 ? 86  ASP A OD2 1 
ATOM   657 N N   . ILE A 1 85 ? 6.661   -1.628  -0.856  1.00 5.16  ? 87  ILE A N   1 
ATOM   658 C CA  . ILE A 1 85 ? 6.108   -2.883  -1.377  1.00 7.78  ? 87  ILE A CA  1 
ATOM   659 C C   . ILE A 1 85 ? 6.645   -3.235  -2.763  1.00 8.83  ? 87  ILE A C   1 
ATOM   660 O O   . ILE A 1 85 ? 7.265   -4.276  -2.965  1.00 6.59  ? 87  ILE A O   1 
ATOM   661 C CB  . ILE A 1 85 ? 4.557   -2.845  -1.459  1.00 7.42  ? 87  ILE A CB  1 
ATOM   662 C CG1 . ILE A 1 85 ? 3.949   -2.624  -0.076  1.00 12.09 ? 87  ILE A CG1 1 
ATOM   663 C CG2 . ILE A 1 85 ? 4.026   -4.136  -2.072  1.00 10.21 ? 87  ILE A CG2 1 
ATOM   664 C CD1 . ILE A 1 85 ? 4.492   -3.555  0.965   1.00 12.31 ? 87  ILE A CD1 1 
ATOM   665 N N   . LYS A 1 86 ? 6.390   -2.360  -3.723  1.00 8.35  ? 88  LYS A N   1 
ATOM   666 C CA  . LYS A 1 86 ? 6.670   -2.674  -5.119  1.00 9.09  ? 88  LYS A CA  1 
ATOM   667 C C   . LYS A 1 86 ? 8.154   -2.945  -5.362  1.00 8.47  ? 88  LYS A C   1 
ATOM   668 O O   . LYS A 1 86 ? 8.526   -3.961  -5.952  1.00 6.52  ? 88  LYS A O   1 
ATOM   669 C CB  . LYS A 1 86 ? 6.161   -1.533  -6.008  1.00 12.42 ? 88  LYS A CB  1 
ATOM   670 C CG  . LYS A 1 86 ? 5.689   -1.962  -7.378  1.00 26.25 ? 88  LYS A CG  1 
ATOM   671 C CD  . LYS A 1 86 ? 4.718   -0.939  -7.963  1.00 22.88 ? 88  LYS A CD  1 
ATOM   672 C CE  . LYS A 1 86 ? 4.323   -1.314  -9.377  1.00 26.40 ? 88  LYS A CE  1 
ATOM   673 N NZ  . LYS A 1 86 ? 5.533   -1.392  -10.239 1.00 31.05 ? 88  LYS A NZ  1 
ATOM   674 N N   . ARG A 1 87 ? 9.007   -2.044  -4.891  1.00 10.00 ? 89  ARG A N   1 
ATOM   675 C CA  . ARG A 1 87 ? 10.442  -2.175  -5.125  1.00 11.60 ? 89  ARG A CA  1 
ATOM   676 C C   . ARG A 1 87 ? 11.051  -3.406  -4.427  1.00 10.10 ? 89  ARG A C   1 
ATOM   677 O O   . ARG A 1 87 ? 11.767  -4.188  -5.055  1.00 10.08 ? 89  ARG A O   1 
ATOM   678 C CB  . ARG A 1 87 ? 11.172  -0.884  -4.735  1.00 18.06 ? 89  ARG A CB  1 
ATOM   679 C CG  . ARG A 1 87 ? 12.648  -0.868  -5.097  1.00 23.79 ? 89  ARG A CG  1 
ATOM   680 C CD  . ARG A 1 87 ? 13.302  0.466   -4.736  1.00 25.18 ? 89  ARG A CD  1 
ATOM   681 N NE  . ARG A 1 87 ? 12.778  1.576   -5.532  1.00 37.86 ? 89  ARG A NE  1 
ATOM   682 C CZ  . ARG A 1 87 ? 12.315  2.716   -5.024  1.00 36.00 ? 89  ARG A CZ  1 
ATOM   683 N NH1 . ARG A 1 87 ? 11.860  3.665   -5.831  1.00 49.94 ? 89  ARG A NH1 1 
ATOM   684 N NH2 . ARG A 1 87 ? 12.306  2.911   -3.711  1.00 37.91 ? 89  ARG A NH2 1 
ATOM   685 N N   . PRO A 1 88 ? 10.754  -3.598  -3.133  1.00 7.44  ? 90  PRO A N   1 
ATOM   686 C CA  . PRO A 1 88 ? 11.277  -4.777  -2.434  1.00 10.36 ? 90  PRO A CA  1 
ATOM   687 C C   . PRO A 1 88 ? 10.760  -6.096  -3.020  1.00 6.87  ? 90  PRO A C   1 
ATOM   688 O O   . PRO A 1 88 ? 11.492  -7.074  -3.082  1.00 9.02  ? 90  PRO A O   1 
ATOM   689 C CB  . PRO A 1 88 ? 10.729  -4.610  -1.010  1.00 15.58 ? 90  PRO A CB  1 
ATOM   690 C CG  . PRO A 1 88 ? 10.438  -3.175  -0.874  1.00 15.40 ? 90  PRO A CG  1 
ATOM   691 C CD  . PRO A 1 88 ? 10.067  -2.667  -2.221  1.00 10.16 ? 90  PRO A CD  1 
ATOM   692 N N   . LEU A 1 89 ? 9.495   -6.122  -3.409  1.00 8.81  ? 91  LEU A N   1 
ATOM   693 C CA  . LEU A 1 89 ? 8.902   -7.297  -4.035  1.00 8.31  ? 91  LEU A CA  1 
ATOM   694 C C   . LEU A 1 89 ? 9.595   -7.593  -5.355  1.00 7.55  ? 91  LEU A C   1 
ATOM   695 O O   . LEU A 1 89 ? 9.993   -8.724  -5.621  1.00 10.34 ? 91  LEU A O   1 
ATOM   696 C CB  . LEU A 1 89 ? 7.408   -7.072  -4.288  1.00 8.52  ? 91  LEU A CB  1 
ATOM   697 C CG  . LEU A 1 89 ? 6.659   -8.161  -5.070  1.00 13.36 ? 91  LEU A CG  1 
ATOM   698 C CD1 . LEU A 1 89 ? 6.814   -9.512  -4.398  1.00 11.22 ? 91  LEU A CD1 1 
ATOM   699 C CD2 . LEU A 1 89 ? 5.190   -7.799  -5.184  1.00 13.53 ? 91  LEU A CD2 1 
ATOM   700 N N   . GLN A 1 90 ? 9.739   -6.566  -6.180  1.00 7.08  ? 92  GLN A N   1 
ATOM   701 C CA  . GLN A 1 90 ? 10.402  -6.708  -7.473  1.00 9.93  ? 92  GLN A CA  1 
ATOM   702 C C   . GLN A 1 90 ? 11.840  -7.190  -7.339  1.00 10.24 ? 92  GLN A C   1 
ATOM   703 O O   . GLN A 1 90 ? 12.296  -8.002  -8.138  1.00 12.09 ? 92  GLN A O   1 
ATOM   704 C CB  . GLN A 1 90 ? 10.381  -5.384  -8.244  1.00 11.51 ? 92  GLN A CB  1 
ATOM   705 N N   . SER A 1 91 ? 12.551  -6.669  -6.344  1.00 8.86  ? 93  SER A N   1 
ATOM   706 C CA  . SER A 1 91 ? 13.926  -7.071  -6.063  1.00 10.84 ? 93  SER A CA  1 
ATOM   707 C C   . SER A 1 91 ? 14.018  -8.536  -5.612  1.00 17.71 ? 93  SER A C   1 
ATOM   708 O O   . SER A 1 91 ? 14.931  -9.261  -6.014  1.00 15.00 ? 93  SER A O   1 
ATOM   709 C CB  . SER A 1 91 ? 14.531  -6.141  -5.007  1.00 17.42 ? 93  SER A CB  1 
ATOM   710 O OG  . SER A 1 91 ? 15.799  -6.597  -4.579  1.00 23.90 ? 93  SER A OG  1 
ATOM   711 N N   . LEU A 1 92 ? 13.070  -8.966  -4.782  1.00 11.26 ? 94  LEU A N   1 
ATOM   712 C CA  . LEU A 1 92 ? 13.002  -10.360 -4.350  1.00 9.61  ? 94  LEU A CA  1 
ATOM   713 C C   . LEU A 1 92 ? 12.705  -11.332 -5.495  1.00 10.43 ? 94  LEU A C   1 
ATOM   714 O O   . LEU A 1 92 ? 13.302  -12.403 -5.561  1.00 10.13 ? 94  LEU A O   1 
ATOM   715 C CB  . LEU A 1 92 ? 11.970  -10.543 -3.230  1.00 6.85  ? 94  LEU A CB  1 
ATOM   716 C CG  . LEU A 1 92 ? 11.751  -11.967 -2.713  1.00 11.93 ? 94  LEU A CG  1 
ATOM   717 C CD1 . LEU A 1 92 ? 13.065  -12.583 -2.226  1.00 13.88 ? 94  LEU A CD1 1 
ATOM   718 C CD2 . LEU A 1 92 ? 10.732  -11.975 -1.577  1.00 11.87 ? 94  LEU A CD2 1 
ATOM   719 N N   . VAL A 1 93 ? 11.789  -10.986 -6.393  1.00 8.41  ? 95  VAL A N   1 
ATOM   720 C CA  . VAL A 1 93 ? 11.472  -11.927 -7.468  1.00 13.88 ? 95  VAL A CA  1 
ATOM   721 C C   . VAL A 1 93 ? 12.487  -11.890 -8.621  1.00 14.94 ? 95  VAL A C   1 
ATOM   722 O O   . VAL A 1 93 ? 12.636  -12.871 -9.348  1.00 12.29 ? 95  VAL A O   1 
ATOM   723 C CB  . VAL A 1 93 ? 10.028  -11.779 -8.009  1.00 15.32 ? 95  VAL A CB  1 
ATOM   724 C CG1 . VAL A 1 93 ? 9.009   -11.857 -6.860  1.00 10.70 ? 95  VAL A CG1 1 
ATOM   725 C CG2 . VAL A 1 93 ? 9.872   -10.494 -8.801  1.00 11.56 ? 95  VAL A CG2 1 
ATOM   726 N N   . ASP A 1 94 ? 13.183  -10.767 -8.786  1.00 11.75 ? 96  ASP A N   1 
ATOM   727 C CA  . ASP A 1 94 ? 14.133  -10.632 -9.895  1.00 20.11 ? 96  ASP A CA  1 
ATOM   728 C C   . ASP A 1 94 ? 15.576  -10.908 -9.482  1.00 22.37 ? 96  ASP A C   1 
ATOM   729 O O   . ASP A 1 94 ? 16.361  -11.439 -10.268 1.00 24.09 ? 96  ASP A O   1 
ATOM   730 C CB  . ASP A 1 94 ? 14.053  -9.240  -10.533 1.00 16.92 ? 96  ASP A CB  1 
ATOM   731 C CG  . ASP A 1 94 ? 12.758  -9.014  -11.279 1.00 21.29 ? 96  ASP A CG  1 
ATOM   732 O OD1 . ASP A 1 94 ? 12.141  -10.007 -11.709 1.00 17.50 ? 96  ASP A OD1 1 
ATOM   733 O OD2 . ASP A 1 94 ? 12.361  -7.838  -11.437 1.00 19.02 ? 96  ASP A OD2 1 
ATOM   734 N N   . SER A 1 95 ? 15.934  -10.525 -8.260  1.00 24.30 ? 97  SER A N   1 
ATOM   735 C CA  . SER A 1 95 ? 17.318  -10.664 -7.807  1.00 27.80 ? 97  SER A CA  1 
ATOM   736 C C   . SER A 1 95 ? 17.405  -11.335 -6.448  1.00 24.97 ? 97  SER A C   1 
ATOM   737 O O   . SER A 1 95 ? 18.207  -10.941 -5.602  1.00 26.36 ? 97  SER A O   1 
ATOM   738 C CB  . SER A 1 95 ? 18.027  -9.304  -7.781  1.00 24.07 ? 97  SER A CB  1 
ATOM   739 O OG  . SER A 1 95 ? 17.266  -8.338  -7.076  1.00 33.12 ? 97  SER A OG  1 
ATOM   740 N N   . GLY A 1 96 ? 16.583  -12.357 -6.251  1.00 19.98 ? 98  GLY A N   1 
ATOM   741 C CA  . GLY A 1 96 ? 16.505  -13.033 -4.971  1.00 27.45 ? 98  GLY A CA  1 
ATOM   742 C C   . GLY A 1 96 ? 17.377  -14.270 -4.913  1.00 34.05 ? 98  GLY A C   1 
ATOM   743 O O   . GLY A 1 96 ? 16.997  -15.276 -4.316  1.00 33.10 ? 98  GLY A O   1 
ATOM   744 N N   . ASP A 1 97 ? 18.551  -14.190 -5.533  1.00 30.60 ? 99  ASP A N   1 
ATOM   745 C CA  . ASP A 1 97 ? 19.501  -15.297 -5.526  1.00 36.47 ? 99  ASP A CA  1 
ATOM   746 C C   . ASP A 1 97 ? 20.460  -15.210 -4.339  1.00 37.42 ? 99  ASP A C   1 
ATOM   747 O O   . ASP A 1 97 ? 21.245  -16.124 -4.080  1.00 30.57 ? 99  ASP A O   1 
ATOM   748 C CB  . ASP A 1 97 ? 20.282  -15.355 -6.844  1.00 28.53 ? 99  ASP A CB  1 
ATOM   749 C CG  . ASP A 1 97 ? 21.239  -14.189 -7.017  1.00 33.27 ? 99  ASP A CG  1 
ATOM   750 O OD1 . ASP A 1 97 ? 21.021  -13.124 -6.400  1.00 25.51 ? 99  ASP A OD1 1 
ATOM   751 O OD2 . ASP A 1 97 ? 22.217  -14.344 -7.781  1.00 34.74 ? 99  ASP A OD2 1 
ATOM   752 O OXT . ASP A 1 97 ? 20.469  -14.222 -3.603  1.00 38.82 ? 99  ASP A OXT 1 
HETATM 753 O O   . HOH B 2 .  ? 11.671  -15.136 -8.827  1.00 18.33 ? 1   HOH A O   1 
HETATM 754 O O   . HOH B 2 .  ? 5.391   -4.585  8.998   1.00 14.60 ? 2   HOH A O   1 
HETATM 755 O O   . HOH B 2 .  ? 10.438  -11.370 9.331   1.00 25.24 ? 100 HOH A O   1 
HETATM 756 O O   . HOH B 2 .  ? 9.379   -25.242 -2.866  1.00 18.27 ? 101 HOH A O   1 
HETATM 757 O O   . HOH B 2 .  ? 11.137  -26.371 -4.210  1.00 30.82 ? 102 HOH A O   1 
HETATM 758 O O   . HOH B 2 .  ? 1.848   -18.991 -9.813  1.00 27.49 ? 103 HOH A O   1 
HETATM 759 O O   . HOH B 2 .  ? 15.160  -14.297 -8.255  1.00 25.91 ? 104 HOH A O   1 
HETATM 760 O O   . HOH B 2 .  ? 14.030  -2.697  -2.241  1.00 25.51 ? 105 HOH A O   1 
HETATM 761 O O   . HOH B 2 .  ? 0.086   -9.929  4.786   1.00 22.90 ? 106 HOH A O   1 
HETATM 762 O O   . HOH B 2 .  ? 9.346   -5.570  4.080   1.00 9.58  ? 107 HOH A O   1 
HETATM 763 O O   . HOH B 2 .  ? 0.488   16.837  3.679   1.00 8.25  ? 108 HOH A O   1 
HETATM 764 O O   . HOH B 2 .  ? -17.687 10.021  6.495   1.00 13.76 ? 109 HOH A O   1 
HETATM 765 O O   . HOH B 2 .  ? 2.085   14.594  3.563   1.00 7.94  ? 110 HOH A O   1 
HETATM 766 O O   . HOH B 2 .  ? -14.929 10.936  5.327   1.00 10.39 ? 111 HOH A O   1 
HETATM 767 O O   . HOH B 2 .  ? 3.054   9.744   -5.841  1.00 13.48 ? 112 HOH A O   1 
HETATM 768 O O   . HOH B 2 .  ? -14.539 12.894  -6.188  1.00 15.52 ? 113 HOH A O   1 
HETATM 769 O O   . HOH B 2 .  ? 7.929   -5.241  8.124   1.00 17.33 ? 114 HOH A O   1 
HETATM 770 O O   . HOH B 2 .  ? 2.305   -13.748 5.209   1.00 25.98 ? 115 HOH A O   1 
HETATM 771 O O   . HOH B 2 .  ? 8.847   -7.691  9.459   1.00 20.46 ? 116 HOH A O   1 
HETATM 772 O O   . HOH B 2 .  ? -5.223  7.815   10.152  1.00 13.77 ? 117 HOH A O   1 
HETATM 773 O O   . HOH B 2 .  ? 9.670   -7.730  -10.880 1.00 23.32 ? 118 HOH A O   1 
HETATM 774 O O   . HOH B 2 .  ? 9.284   -3.172  3.020   1.00 14.92 ? 119 HOH A O   1 
HETATM 775 O O   . HOH B 2 .  ? 4.281   8.135   -7.155  1.00 21.26 ? 120 HOH A O   1 
HETATM 776 O O   . HOH B 2 .  ? -19.337 16.681  -2.042  1.00 15.04 ? 121 HOH A O   1 
HETATM 777 O O   . HOH B 2 .  ? 4.416   -5.377  -7.709  1.00 21.13 ? 122 HOH A O   1 
HETATM 778 O O   . HOH B 2 .  ? 11.501  -6.751  2.788   1.00 16.57 ? 123 HOH A O   1 
HETATM 779 O O   . HOH B 2 .  ? 5.467   -5.064  11.598  1.00 16.77 ? 124 HOH A O   1 
HETATM 780 O O   . HOH B 2 .  ? -9.451  16.619  -4.520  1.00 28.23 ? 125 HOH A O   1 
HETATM 781 O O   . HOH B 2 .  ? 5.614   -1.737  8.780   1.00 26.42 ? 126 HOH A O   1 
HETATM 782 O O   . HOH B 2 .  ? 1.598   -10.185 7.803   1.00 25.28 ? 127 HOH A O   1 
HETATM 783 O O   . HOH B 2 .  ? -2.558  -11.948 -6.428  1.00 23.99 ? 128 HOH A O   1 
HETATM 784 O O   . HOH B 2 .  ? -2.859  13.207  -4.240  1.00 14.60 ? 129 HOH A O   1 
HETATM 785 O O   . HOH B 2 .  ? -6.913  -1.314  10.780  1.00 16.40 ? 130 HOH A O   1 
HETATM 786 O O   . HOH B 2 .  ? 8.756   6.391   0.286   1.00 20.60 ? 131 HOH A O   1 
HETATM 787 O O   . HOH B 2 .  ? 13.581  -7.562  -1.464  1.00 22.43 ? 132 HOH A O   1 
HETATM 788 O O   . HOH B 2 .  ? 5.613   -2.795  12.850  1.00 22.78 ? 133 HOH A O   1 
HETATM 789 O O   . HOH B 2 .  ? -4.141  20.772  6.989   1.00 25.24 ? 134 HOH A O   1 
HETATM 790 O O   . HOH B 2 .  ? -8.604  13.945  -3.863  1.00 17.49 ? 135 HOH A O   1 
HETATM 791 O O   . HOH B 2 .  ? -7.548  8.183   -7.708  1.00 13.48 ? 136 HOH A O   1 
HETATM 792 O O   . HOH B 2 .  ? 1.788   -18.590 2.265   1.00 22.01 ? 137 HOH A O   1 
HETATM 793 O O   . HOH B 2 .  ? 7.726   -17.583 7.093   1.00 21.67 ? 138 HOH A O   1 
HETATM 794 O O   . HOH B 2 .  ? 3.883   -16.092 5.137   1.00 29.45 ? 139 HOH A O   1 
HETATM 795 O O   . HOH B 2 .  ? -18.787 10.453  4.101   1.00 22.70 ? 140 HOH A O   1 
HETATM 796 O O   . HOH B 2 .  ? -13.415 -1.832  -0.802  1.00 29.96 ? 141 HOH A O   1 
HETATM 797 O O   . HOH B 2 .  ? 8.053   -10.201 9.065   1.00 14.36 ? 142 HOH A O   1 
HETATM 798 O O   . HOH B 2 .  ? 11.423  -7.552  9.263   1.00 28.26 ? 143 HOH A O   1 
HETATM 799 O O   . HOH B 2 .  ? 3.983   0.126   7.704   1.00 19.29 ? 144 HOH A O   1 
HETATM 800 O O   . HOH B 2 .  ? -21.074 18.528  -1.168  1.00 13.33 ? 145 HOH A O   1 
HETATM 801 O O   . HOH B 2 .  ? -8.978  14.024  -6.516  1.00 22.59 ? 146 HOH A O   1 
HETATM 802 O O   . HOH B 2 .  ? -11.583 26.751  -0.780  1.00 27.53 ? 147 HOH A O   1 
HETATM 803 O O   . HOH B 2 .  ? 13.016  -10.416 8.787   1.00 32.70 ? 148 HOH A O   1 
HETATM 804 O O   . HOH B 2 .  ? -21.125 18.909  1.540   1.00 17.91 ? 149 HOH A O   1 
HETATM 805 O O   . HOH B 2 .  ? -0.629  0.372   10.880  1.00 25.38 ? 150 HOH A O   1 
HETATM 806 O O   . HOH B 2 .  ? -2.810  9.998   8.655   1.00 21.71 ? 151 HOH A O   1 
HETATM 807 O O   . HOH B 2 .  ? 1.701   1.133   8.103   1.00 20.16 ? 152 HOH A O   1 
HETATM 808 O O   . HOH B 2 .  ? -0.533  -20.238 -4.554  1.00 26.47 ? 153 HOH A O   1 
HETATM 809 O O   . HOH B 2 .  ? -1.629  -21.669 -7.082  1.00 28.70 ? 154 HOH A O   1 
HETATM 810 O O   . HOH B 2 .  ? -12.248 12.650  8.354   1.00 16.80 ? 155 HOH A O   1 
HETATM 811 O O   . HOH B 2 .  ? 22.454  -16.537 -9.594  1.00 28.25 ? 156 HOH A O   1 
HETATM 812 O O   . HOH B 2 .  ? 15.558  -2.729  -4.414  1.00 21.36 ? 157 HOH A O   1 
HETATM 813 O O   . HOH B 2 .  ? 13.926  -10.180 4.899   1.00 32.23 ? 158 HOH A O   1 
HETATM 814 O O   . HOH B 2 .  ? -19.178 16.852  3.088   1.00 32.27 ? 159 HOH A O   1 
HETATM 815 O O   . HOH B 2 .  ? 3.677   14.883  -1.340  1.00 14.96 ? 160 HOH A O   1 
HETATM 816 O O   . HOH B 2 .  ? 12.686  0.443   -1.597  1.00 22.81 ? 161 HOH A O   1 
HETATM 817 O O   . HOH B 2 .  ? 9.669   3.972   3.338   1.00 26.27 ? 162 HOH A O   1 
HETATM 818 O O   . HOH B 2 .  ? 1.695   -22.720 -0.990  1.00 15.42 ? 163 HOH A O   1 
HETATM 819 O O   . HOH B 2 .  ? 3.009   -24.721 -1.892  1.00 18.44 ? 164 HOH A O   1 
HETATM 820 O O   . HOH B 2 .  ? 4.346   -25.790 -0.055  1.00 15.01 ? 165 HOH A O   1 
HETATM 821 O O   . HOH B 2 .  ? 4.885   -27.556 -5.030  1.00 23.87 ? 166 HOH A O   1 
HETATM 822 O O   . HOH B 2 .  ? -9.824  1.800   -7.712  1.00 23.61 ? 167 HOH A O   1 
HETATM 823 O O   . HOH B 2 .  ? -10.758 0.456   -9.562  1.00 20.49 ? 168 HOH A O   1 
HETATM 824 O O   . HOH B 2 .  ? 12.781  -13.998 5.926   1.00 23.95 ? 169 HOH A O   1 
HETATM 825 O O   . HOH B 2 .  ? 7.096   -5.421  -7.987  1.00 21.95 ? 170 HOH A O   1 
HETATM 826 O O   . HOH B 2 .  ? -18.241 10.525  -0.644  1.00 28.68 ? 171 HOH A O   1 
HETATM 827 O O   . HOH B 2 .  ? -6.808  -4.641  3.127   1.00 27.59 ? 172 HOH A O   1 
HETATM 828 O O   . HOH B 2 .  ? -19.123 9.719   -4.904  1.00 28.39 ? 173 HOH A O   1 
HETATM 829 O O   . HOH B 2 .  ? -6.170  21.446  8.788   1.00 28.73 ? 174 HOH A O   1 
HETATM 830 O O   . HOH B 2 .  ? 17.580  -4.111  -3.515  1.00 29.85 ? 175 HOH A O   1 
HETATM 831 O O   . HOH B 2 .  ? 9.888   -4.420  6.293   1.00 28.95 ? 176 HOH A O   1 
HETATM 832 O O   . HOH B 2 .  ? -6.242  13.094  -3.519  1.00 34.37 ? 177 HOH A O   1 
HETATM 833 O O   . HOH B 2 .  ? -2.137  -7.071  11.630  1.00 28.42 ? 178 HOH A O   1 
HETATM 834 O O   . HOH B 2 .  ? -14.732 6.517   -1.796  1.00 20.44 ? 179 HOH A O   1 
HETATM 835 O O   . HOH B 2 .  ? -8.816  -3.297  2.878   1.00 20.45 ? 180 HOH A O   1 
HETATM 836 O O   . HOH B 2 .  ? 19.082  -1.743  -2.350  1.00 30.36 ? 181 HOH A O   1 
HETATM 837 O O   . HOH B 2 .  ? 13.199  -22.663 -2.265  1.00 21.96 ? 182 HOH A O   1 
HETATM 838 O O   . HOH B 2 .  ? -10.912 -1.396  -0.299  1.00 32.98 ? 183 HOH A O   1 
HETATM 839 O O   . HOH B 2 .  ? 13.023  -4.337  2.001   1.00 31.23 ? 184 HOH A O   1 
HETATM 840 O O   . HOH B 2 .  ? -12.395 18.964  -2.767  1.00 27.45 ? 185 HOH A O   1 
HETATM 841 O O   . HOH B 2 .  ? 13.253  -7.644  5.498   1.00 34.84 ? 186 HOH A O   1 
HETATM 842 O O   . HOH B 2 .  ? -15.942 7.324   0.195   1.00 18.27 ? 187 HOH A O   1 
HETATM 843 O O   . HOH B 2 .  ? 9.049   5.489   -4.179  1.00 25.40 ? 188 HOH A O   1 
HETATM 844 O O   . HOH B 2 .  ? 13.013  -3.503  -7.844  1.00 20.49 ? 189 HOH A O   1 
HETATM 845 O O   . HOH B 2 .  ? -7.608  0.322   13.002  1.00 21.90 ? 190 HOH A O   1 
HETATM 846 O O   . HOH B 2 .  ? 5.377   13.116  -2.149  1.00 27.56 ? 191 HOH A O   1 
HETATM 847 O O   . HOH B 2 .  ? 15.003  -5.107  -0.709  1.00 34.46 ? 192 HOH A O   1 
HETATM 848 O O   . HOH B 2 .  ? -6.698  -3.421  12.763  1.00 30.47 ? 193 HOH A O   1 
HETATM 849 O O   . HOH B 2 .  ? -3.550  10.935  -4.363  1.00 26.05 ? 194 HOH A O   1 
HETATM 850 O O   . HOH B 2 .  ? 11.783  -8.949  1.475   1.00 22.81 ? 195 HOH A O   1 
# 
loop_
_pdbx_poly_seq_scheme.asym_id 
_pdbx_poly_seq_scheme.entity_id 
_pdbx_poly_seq_scheme.seq_id 
_pdbx_poly_seq_scheme.mon_id 
_pdbx_poly_seq_scheme.ndb_seq_num 
_pdbx_poly_seq_scheme.pdb_seq_num 
_pdbx_poly_seq_scheme.auth_seq_num 
_pdbx_poly_seq_scheme.pdb_mon_id 
_pdbx_poly_seq_scheme.auth_mon_id 
_pdbx_poly_seq_scheme.pdb_strand_id 
_pdbx_poly_seq_scheme.pdb_ins_code 
_pdbx_poly_seq_scheme.hetero 
A 1 1  SER 1  3  3  SER SER A . n 
A 1 2  LEU 2  4  4  LEU LEU A . n 
A 1 3  LEU 3  5  5  LEU LEU A . n 
A 1 4  ILE 4  6  6  ILE ILE A . n 
A 1 5  SER 5  7  7  SER SER A . n 
A 1 6  TYR 6  8  8  TYR TYR A . n 
A 1 7  GLU 7  9  9  GLU GLU A . n 
A 1 8  SER 8  10 10 SER SER A . n 
A 1 9  ASP 9  11 11 ASP ASP A . n 
A 1 10 PHE 10 12 12 PHE PHE A . n 
A 1 11 LYS 11 13 13 LYS LYS A . n 
A 1 12 THR 12 14 14 THR THR A . n 
A 1 13 THR 13 15 15 THR THR A . n 
A 1 14 LEU 14 16 16 LEU LEU A . n 
A 1 15 GLU 15 17 17 GLU GLU A . n 
A 1 16 GLN 16 18 18 GLN GLN A . n 
A 1 17 ALA 17 19 19 ALA ALA A . n 
A 1 18 LYS 18 20 20 LYS LYS A . n 
A 1 19 ALA 19 21 21 ALA ALA A . n 
A 1 20 SER 20 22 22 SER SER A . n 
A 1 21 LEU 21 23 23 LEU LEU A . n 
A 1 22 ALA 22 24 24 ALA ALA A . n 
A 1 23 GLU 23 25 25 GLU GLU A . n 
A 1 24 ALA 24 26 26 ALA ALA A . n 
A 1 25 PRO 25 27 27 PRO PRO A . n 
A 1 26 SER 26 28 28 SER SER A . n 
A 1 27 GLN 27 29 29 GLN GLN A . n 
A 1 28 PRO 28 30 30 PRO PRO A . n 
A 1 29 LEU 29 31 31 LEU LEU A . n 
A 1 30 SER 30 32 32 SER SER A . n 
A 1 31 GLN 31 33 33 GLN GLN A . n 
A 1 32 ARG 32 34 34 ARG ARG A . n 
A 1 33 ASN 33 35 35 ASN ASN A . n 
A 1 34 THR 34 36 36 THR THR A . n 
A 1 35 THR 35 37 37 THR THR A . n 
A 1 36 LEU 36 38 38 LEU LEU A . n 
A 1 37 LYS 37 39 39 LYS LYS A . n 
A 1 38 HIS 38 40 40 HIS HIS A . n 
A 1 39 VAL 39 41 41 VAL VAL A . n 
A 1 40 GLU 40 42 42 GLU GLU A . n 
A 1 41 GLN 41 43 43 GLN GLN A . n 
A 1 42 GLN 42 44 44 GLN GLN A . n 
A 1 43 GLN 43 45 45 GLN GLN A . n 
A 1 44 ASP 44 46 46 ASP ASP A . n 
A 1 45 GLU 45 47 47 GLU GLU A . n 
A 1 46 LEU 46 48 48 LEU LEU A . n 
A 1 47 PHE 47 49 49 PHE PHE A . n 
A 1 48 ASP 48 50 50 ASP ASP A . n 
A 1 49 LEU 49 51 51 LEU LEU A . n 
A 1 50 LEU 50 52 52 LEU LEU A . n 
A 1 51 ASP 51 53 53 ASP ASP A . n 
A 1 52 GLN 52 54 54 GLN GLN A . n 
A 1 53 MET 53 55 55 MET MET A . n 
A 1 54 ASP 54 56 56 ASP ASP A . n 
A 1 55 VAL 55 57 57 VAL VAL A . n 
A 1 56 GLU 56 58 58 GLU GLU A . n 
A 1 57 VAL 57 59 59 VAL VAL A . n 
A 1 58 ASN 58 60 60 ASN ASN A . n 
A 1 59 ASN 59 61 61 ASN ASN A . n 
A 1 60 SER 60 62 62 SER SER A . n 
A 1 61 ILE 61 63 63 ILE ILE A . n 
A 1 62 GLY 62 64 64 GLY GLY A . n 
A 1 63 ASP 63 65 65 ASP ASP A . n 
A 1 64 ALA 64 66 66 ALA ALA A . n 
A 1 65 SER 65 67 67 SER SER A . n 
A 1 66 GLU 66 68 68 GLU GLU A . n 
A 1 67 ARG 67 69 69 ARG ARG A . n 
A 1 68 ALA 68 70 70 ALA ALA A . n 
A 1 69 THR 69 71 71 THR THR A . n 
A 1 70 TYR 70 72 72 TYR TYR A . n 
A 1 71 LYS 71 73 73 LYS LYS A . n 
A 1 72 ALA 72 74 74 ALA ALA A . n 
A 1 73 LYS 73 75 75 LYS LYS A . n 
A 1 74 LEU 74 76 76 LEU LEU A . n 
A 1 75 ARG 75 77 77 ARG ARG A . n 
A 1 76 GLU 76 78 78 GLU GLU A . n 
A 1 77 TRP 77 79 79 TRP TRP A . n 
A 1 78 LYS 78 80 80 LYS LYS A . n 
A 1 79 LYS 79 81 81 LYS LYS A . n 
A 1 80 THR 80 82 82 THR THR A . n 
A 1 81 ILE 81 83 83 ILE ILE A . n 
A 1 82 GLN 82 84 84 GLN GLN A . n 
A 1 83 SER 83 85 85 SER SER A . n 
A 1 84 ASP 84 86 86 ASP ASP A . n 
A 1 85 ILE 85 87 87 ILE ILE A . n 
A 1 86 LYS 86 88 88 LYS LYS A . n 
A 1 87 ARG 87 89 89 ARG ARG A . n 
A 1 88 PRO 88 90 90 PRO PRO A . n 
A 1 89 LEU 89 91 91 LEU LEU A . n 
A 1 90 GLN 90 92 92 GLN GLN A . n 
A 1 91 SER 91 93 93 SER SER A . n 
A 1 92 LEU 92 94 94 LEU LEU A . n 
A 1 93 VAL 93 95 95 VAL VAL A . n 
A 1 94 ASP 94 96 96 ASP ASP A . n 
A 1 95 SER 95 97 97 SER SER A . n 
A 1 96 GLY 96 98 98 GLY GLY A . n 
A 1 97 ASP 97 99 99 ASP ASP A . n 
# 
loop_
_pdbx_nonpoly_scheme.asym_id 
_pdbx_nonpoly_scheme.entity_id 
_pdbx_nonpoly_scheme.mon_id 
_pdbx_nonpoly_scheme.ndb_seq_num 
_pdbx_nonpoly_scheme.pdb_seq_num 
_pdbx_nonpoly_scheme.auth_seq_num 
_pdbx_nonpoly_scheme.pdb_mon_id 
_pdbx_nonpoly_scheme.auth_mon_id 
_pdbx_nonpoly_scheme.pdb_strand_id 
_pdbx_nonpoly_scheme.pdb_ins_code 
B 2 HOH 1  1   1   HOH HOH A . 
B 2 HOH 2  2   2   HOH HOH A . 
B 2 HOH 3  100 100 HOH HOH A . 
B 2 HOH 4  101 101 HOH HOH A . 
B 2 HOH 5  102 102 HOH HOH A . 
B 2 HOH 6  103 103 HOH HOH A . 
B 2 HOH 7  104 104 HOH HOH A . 
B 2 HOH 8  105 105 HOH HOH A . 
B 2 HOH 9  106 3   HOH HOH A . 
B 2 HOH 10 107 4   HOH HOH A . 
B 2 HOH 11 108 5   HOH HOH A . 
B 2 HOH 12 109 6   HOH HOH A . 
B 2 HOH 13 110 7   HOH HOH A . 
B 2 HOH 14 111 8   HOH HOH A . 
B 2 HOH 15 112 9   HOH HOH A . 
B 2 HOH 16 113 10  HOH HOH A . 
B 2 HOH 17 114 11  HOH HOH A . 
B 2 HOH 18 115 12  HOH HOH A . 
B 2 HOH 19 116 13  HOH HOH A . 
B 2 HOH 20 117 14  HOH HOH A . 
B 2 HOH 21 118 15  HOH HOH A . 
B 2 HOH 22 119 16  HOH HOH A . 
B 2 HOH 23 120 17  HOH HOH A . 
B 2 HOH 24 121 18  HOH HOH A . 
B 2 HOH 25 122 19  HOH HOH A . 
B 2 HOH 26 123 20  HOH HOH A . 
B 2 HOH 27 124 21  HOH HOH A . 
B 2 HOH 28 125 23  HOH HOH A . 
B 2 HOH 29 126 24  HOH HOH A . 
B 2 HOH 30 127 25  HOH HOH A . 
B 2 HOH 31 128 26  HOH HOH A . 
B 2 HOH 32 129 27  HOH HOH A . 
B 2 HOH 33 130 28  HOH HOH A . 
B 2 HOH 34 131 29  HOH HOH A . 
B 2 HOH 35 132 30  HOH HOH A . 
B 2 HOH 36 133 31  HOH HOH A . 
B 2 HOH 37 134 32  HOH HOH A . 
B 2 HOH 38 135 33  HOH HOH A . 
B 2 HOH 39 136 34  HOH HOH A . 
B 2 HOH 40 137 36  HOH HOH A . 
B 2 HOH 41 138 37  HOH HOH A . 
B 2 HOH 42 139 38  HOH HOH A . 
B 2 HOH 43 140 39  HOH HOH A . 
B 2 HOH 44 141 40  HOH HOH A . 
B 2 HOH 45 142 41  HOH HOH A . 
B 2 HOH 46 143 42  HOH HOH A . 
B 2 HOH 47 144 43  HOH HOH A . 
B 2 HOH 48 145 44  HOH HOH A . 
B 2 HOH 49 146 45  HOH HOH A . 
B 2 HOH 50 147 46  HOH HOH A . 
B 2 HOH 51 148 47  HOH HOH A . 
B 2 HOH 52 149 50  HOH HOH A . 
B 2 HOH 53 150 51  HOH HOH A . 
B 2 HOH 54 151 53  HOH HOH A . 
B 2 HOH 55 152 54  HOH HOH A . 
B 2 HOH 56 153 55  HOH HOH A . 
B 2 HOH 57 154 56  HOH HOH A . 
B 2 HOH 58 155 57  HOH HOH A . 
B 2 HOH 59 156 58  HOH HOH A . 
B 2 HOH 60 157 59  HOH HOH A . 
B 2 HOH 61 158 60  HOH HOH A . 
B 2 HOH 62 159 61  HOH HOH A . 
B 2 HOH 63 160 62  HOH HOH A . 
B 2 HOH 64 161 63  HOH HOH A . 
B 2 HOH 65 162 64  HOH HOH A . 
B 2 HOH 66 163 65  HOH HOH A . 
B 2 HOH 67 164 66  HOH HOH A . 
B 2 HOH 68 165 67  HOH HOH A . 
B 2 HOH 69 166 68  HOH HOH A . 
B 2 HOH 70 167 69  HOH HOH A . 
B 2 HOH 71 168 70  HOH HOH A . 
B 2 HOH 72 169 71  HOH HOH A . 
B 2 HOH 73 170 72  HOH HOH A . 
B 2 HOH 74 171 73  HOH HOH A . 
B 2 HOH 75 172 74  HOH HOH A . 
B 2 HOH 76 173 75  HOH HOH A . 
B 2 HOH 77 174 76  HOH HOH A . 
B 2 HOH 78 175 77  HOH HOH A . 
B 2 HOH 79 176 79  HOH HOH A . 
B 2 HOH 80 177 80  HOH HOH A . 
B 2 HOH 81 178 81  HOH HOH A . 
B 2 HOH 82 179 82  HOH HOH A . 
B 2 HOH 83 180 83  HOH HOH A . 
B 2 HOH 84 181 84  HOH HOH A . 
B 2 HOH 85 182 85  HOH HOH A . 
B 2 HOH 86 183 86  HOH HOH A . 
B 2 HOH 87 184 87  HOH HOH A . 
B 2 HOH 88 185 88  HOH HOH A . 
B 2 HOH 89 186 89  HOH HOH A . 
B 2 HOH 90 187 90  HOH HOH A . 
B 2 HOH 91 188 91  HOH HOH A . 
B 2 HOH 92 189 92  HOH HOH A . 
B 2 HOH 93 190 93  HOH HOH A . 
B 2 HOH 94 191 94  HOH HOH A . 
B 2 HOH 95 192 96  HOH HOH A . 
B 2 HOH 96 193 97  HOH HOH A . 
B 2 HOH 97 194 98  HOH HOH A . 
B 2 HOH 98 195 99  HOH HOH A . 
# 
_pdbx_struct_assembly.id                   1 
_pdbx_struct_assembly.details              author_and_software_defined_assembly 
_pdbx_struct_assembly.method_details       PISA 
_pdbx_struct_assembly.oligomeric_details   monomeric 
_pdbx_struct_assembly.oligomeric_count     1 
# 
_pdbx_struct_assembly_gen.assembly_id       1 
_pdbx_struct_assembly_gen.oper_expression   1 
_pdbx_struct_assembly_gen.asym_id_list      A,B 
# 
_pdbx_struct_oper_list.id                   1 
_pdbx_struct_oper_list.type                 'identity operation' 
_pdbx_struct_oper_list.name                 1_555 
_pdbx_struct_oper_list.symmetry_operation   x,y,z 
_pdbx_struct_oper_list.matrix[1][1]         1.0000000000 
_pdbx_struct_oper_list.matrix[1][2]         0.0000000000 
_pdbx_struct_oper_list.matrix[1][3]         0.0000000000 
_pdbx_struct_oper_list.vector[1]            0.0000000000 
_pdbx_struct_oper_list.matrix[2][1]         0.0000000000 
_pdbx_struct_oper_list.matrix[2][2]         1.0000000000 
_pdbx_struct_oper_list.matrix[2][3]         0.0000000000 
_pdbx_struct_oper_list.vector[2]            0.0000000000 
_pdbx_struct_oper_list.matrix[3][1]         0.0000000000 
_pdbx_struct_oper_list.matrix[3][2]         0.0000000000 
_pdbx_struct_oper_list.matrix[3][3]         1.0000000000 
_pdbx_struct_oper_list.vector[3]            0.0000000000 
# 
loop_
_pdbx_audit_revision_history.ordinal 
_pdbx_audit_revision_history.data_content_type 
_pdbx_audit_revision_history.major_revision 
_pdbx_audit_revision_history.minor_revision 
_pdbx_audit_revision_history.revision_date 
1 'Structure model' 1 0 2011-07-20 
2 'Structure model' 1 1 2011-12-21 
3 'Structure model' 1 2 2023-11-01 
# 
_pdbx_audit_revision_details.ordinal             1 
_pdbx_audit_revision_details.revision_ordinal    1 
_pdbx_audit_revision_details.data_content_type   'Structure model' 
_pdbx_audit_revision_details.provider            repository 
_pdbx_audit_revision_details.type                'Initial release' 
_pdbx_audit_revision_details.description         ? 
_pdbx_audit_revision_details.details             ? 
# 
loop_
_pdbx_audit_revision_group.ordinal 
_pdbx_audit_revision_group.revision_ordinal 
_pdbx_audit_revision_group.data_content_type 
_pdbx_audit_revision_group.group 
1 2 'Structure model' 'Database references'    
2 3 'Structure model' 'Data collection'        
3 3 'Structure model' 'Database references'    
4 3 'Structure model' 'Refinement description' 
# 
loop_
_pdbx_audit_revision_category.ordinal 
_pdbx_audit_revision_category.revision_ordinal 
_pdbx_audit_revision_category.data_content_type 
_pdbx_audit_revision_category.category 
1 3 'Structure model' chem_comp_atom                
2 3 'Structure model' chem_comp_bond                
3 3 'Structure model' database_2                    
4 3 'Structure model' pdbx_initial_refinement_model 
# 
loop_
_pdbx_audit_revision_item.ordinal 
_pdbx_audit_revision_item.revision_ordinal 
_pdbx_audit_revision_item.data_content_type 
_pdbx_audit_revision_item.item 
1 3 'Structure model' '_database_2.pdbx_DOI'                
2 3 'Structure model' '_database_2.pdbx_database_accession' 
# 
loop_
_software.pdbx_ordinal 
_software.name 
_software.version 
_software.date 
_software.type 
_software.contact_author 
_software.contact_author_email 
_software.classification 
_software.location 
_software.language 
_software.citation_id 
1 REFMAC      5.5.0102 ?               program 'Garib N. Murshudov' garib@ysbl.york.ac.uk    refinement        
http://www.ccp4.ac.uk/dist/html/refmac5.html Fortran_77 ? 
2 PDB_EXTRACT 3.10     'June 10, 2010' package PDB                  deposit@deposit.rcsb.org 'data extraction' 
http://sw-tools.pdb.org/apps/PDB_EXTRACT/    C++        ? 
3 MAR345dtb   .        ?               ?       ?                    ?                        'data collection' ? ?          ? 
4 HKL-2000    .        ?               ?       ?                    ?                        'data reduction'  ? ?          ? 
5 HKL-2000    .        ?               ?       ?                    ?                        'data scaling'    ? ?          ? 
6 PHASER      .        ?               ?       ?                    ?                        phasing           ? ?          ? 
# 
loop_
_pdbx_unobs_or_zero_occ_atoms.id 
_pdbx_unobs_or_zero_occ_atoms.PDB_model_num 
_pdbx_unobs_or_zero_occ_atoms.polymer_flag 
_pdbx_unobs_or_zero_occ_atoms.occupancy_flag 
_pdbx_unobs_or_zero_occ_atoms.auth_asym_id 
_pdbx_unobs_or_zero_occ_atoms.auth_comp_id 
_pdbx_unobs_or_zero_occ_atoms.auth_seq_id 
_pdbx_unobs_or_zero_occ_atoms.PDB_ins_code 
_pdbx_unobs_or_zero_occ_atoms.auth_atom_id 
_pdbx_unobs_or_zero_occ_atoms.label_alt_id 
_pdbx_unobs_or_zero_occ_atoms.label_asym_id 
_pdbx_unobs_or_zero_occ_atoms.label_comp_id 
_pdbx_unobs_or_zero_occ_atoms.label_seq_id 
_pdbx_unobs_or_zero_occ_atoms.label_atom_id 
1  1 Y 1 A ASP 65 ? CG  ? A ASP 63 CG  
2  1 Y 1 A ASP 65 ? OD1 ? A ASP 63 OD1 
3  1 Y 1 A ASP 65 ? OD2 ? A ASP 63 OD2 
4  1 Y 1 A ARG 69 ? CD  ? A ARG 67 CD  
5  1 Y 1 A ARG 69 ? NE  ? A ARG 67 NE  
6  1 Y 1 A ARG 69 ? CZ  ? A ARG 67 CZ  
7  1 Y 1 A ARG 69 ? NH1 ? A ARG 67 NH1 
8  1 Y 1 A ARG 69 ? NH2 ? A ARG 67 NH2 
9  1 Y 1 A LYS 73 ? CD  ? A LYS 71 CD  
10 1 Y 1 A LYS 73 ? CE  ? A LYS 71 CE  
11 1 Y 1 A LYS 73 ? NZ  ? A LYS 71 NZ  
12 1 Y 1 A ARG 77 ? CD  ? A ARG 75 CD  
13 1 Y 1 A ARG 77 ? NE  ? A ARG 75 NE  
14 1 Y 1 A ARG 77 ? CZ  ? A ARG 75 CZ  
15 1 Y 1 A ARG 77 ? NH1 ? A ARG 75 NH1 
16 1 Y 1 A ARG 77 ? NH2 ? A ARG 75 NH2 
17 1 Y 1 A GLN 92 ? CG  ? A GLN 90 CG  
18 1 Y 1 A GLN 92 ? CD  ? A GLN 90 CD  
19 1 Y 1 A GLN 92 ? OE1 ? A GLN 90 OE1 
20 1 Y 1 A GLN 92 ? NE2 ? A GLN 90 NE2 
# 
loop_
_chem_comp_atom.comp_id 
_chem_comp_atom.atom_id 
_chem_comp_atom.type_symbol 
_chem_comp_atom.pdbx_aromatic_flag 
_chem_comp_atom.pdbx_stereo_config 
_chem_comp_atom.pdbx_ordinal 
ALA N    N N N 1   
ALA CA   C N S 2   
ALA C    C N N 3   
ALA O    O N N 4   
ALA CB   C N N 5   
ALA OXT  O N N 6   
ALA H    H N N 7   
ALA H2   H N N 8   
ALA HA   H N N 9   
ALA HB1  H N N 10  
ALA HB2  H N N 11  
ALA HB3  H N N 12  
ALA HXT  H N N 13  
ARG N    N N N 14  
ARG CA   C N S 15  
ARG C    C N N 16  
ARG O    O N N 17  
ARG CB   C N N 18  
ARG CG   C N N 19  
ARG CD   C N N 20  
ARG NE   N N N 21  
ARG CZ   C N N 22  
ARG NH1  N N N 23  
ARG NH2  N N N 24  
ARG OXT  O N N 25  
ARG H    H N N 26  
ARG H2   H N N 27  
ARG HA   H N N 28  
ARG HB2  H N N 29  
ARG HB3  H N N 30  
ARG HG2  H N N 31  
ARG HG3  H N N 32  
ARG HD2  H N N 33  
ARG HD3  H N N 34  
ARG HE   H N N 35  
ARG HH11 H N N 36  
ARG HH12 H N N 37  
ARG HH21 H N N 38  
ARG HH22 H N N 39  
ARG HXT  H N N 40  
ASN N    N N N 41  
ASN CA   C N S 42  
ASN C    C N N 43  
ASN O    O N N 44  
ASN CB   C N N 45  
ASN CG   C N N 46  
ASN OD1  O N N 47  
ASN ND2  N N N 48  
ASN OXT  O N N 49  
ASN H    H N N 50  
ASN H2   H N N 51  
ASN HA   H N N 52  
ASN HB2  H N N 53  
ASN HB3  H N N 54  
ASN HD21 H N N 55  
ASN HD22 H N N 56  
ASN HXT  H N N 57  
ASP N    N N N 58  
ASP CA   C N S 59  
ASP C    C N N 60  
ASP O    O N N 61  
ASP CB   C N N 62  
ASP CG   C N N 63  
ASP OD1  O N N 64  
ASP OD2  O N N 65  
ASP OXT  O N N 66  
ASP H    H N N 67  
ASP H2   H N N 68  
ASP HA   H N N 69  
ASP HB2  H N N 70  
ASP HB3  H N N 71  
ASP HD2  H N N 72  
ASP HXT  H N N 73  
GLN N    N N N 74  
GLN CA   C N S 75  
GLN C    C N N 76  
GLN O    O N N 77  
GLN CB   C N N 78  
GLN CG   C N N 79  
GLN CD   C N N 80  
GLN OE1  O N N 81  
GLN NE2  N N N 82  
GLN OXT  O N N 83  
GLN H    H N N 84  
GLN H2   H N N 85  
GLN HA   H N N 86  
GLN HB2  H N N 87  
GLN HB3  H N N 88  
GLN HG2  H N N 89  
GLN HG3  H N N 90  
GLN HE21 H N N 91  
GLN HE22 H N N 92  
GLN HXT  H N N 93  
GLU N    N N N 94  
GLU CA   C N S 95  
GLU C    C N N 96  
GLU O    O N N 97  
GLU CB   C N N 98  
GLU CG   C N N 99  
GLU CD   C N N 100 
GLU OE1  O N N 101 
GLU OE2  O N N 102 
GLU OXT  O N N 103 
GLU H    H N N 104 
GLU H2   H N N 105 
GLU HA   H N N 106 
GLU HB2  H N N 107 
GLU HB3  H N N 108 
GLU HG2  H N N 109 
GLU HG3  H N N 110 
GLU HE2  H N N 111 
GLU HXT  H N N 112 
GLY N    N N N 113 
GLY CA   C N N 114 
GLY C    C N N 115 
GLY O    O N N 116 
GLY OXT  O N N 117 
GLY H    H N N 118 
GLY H2   H N N 119 
GLY HA2  H N N 120 
GLY HA3  H N N 121 
GLY HXT  H N N 122 
HIS N    N N N 123 
HIS CA   C N S 124 
HIS C    C N N 125 
HIS O    O N N 126 
HIS CB   C N N 127 
HIS CG   C Y N 128 
HIS ND1  N Y N 129 
HIS CD2  C Y N 130 
HIS CE1  C Y N 131 
HIS NE2  N Y N 132 
HIS OXT  O N N 133 
HIS H    H N N 134 
HIS H2   H N N 135 
HIS HA   H N N 136 
HIS HB2  H N N 137 
HIS HB3  H N N 138 
HIS HD1  H N N 139 
HIS HD2  H N N 140 
HIS HE1  H N N 141 
HIS HE2  H N N 142 
HIS HXT  H N N 143 
HOH O    O N N 144 
HOH H1   H N N 145 
HOH H2   H N N 146 
ILE N    N N N 147 
ILE CA   C N S 148 
ILE C    C N N 149 
ILE O    O N N 150 
ILE CB   C N S 151 
ILE CG1  C N N 152 
ILE CG2  C N N 153 
ILE CD1  C N N 154 
ILE OXT  O N N 155 
ILE H    H N N 156 
ILE H2   H N N 157 
ILE HA   H N N 158 
ILE HB   H N N 159 
ILE HG12 H N N 160 
ILE HG13 H N N 161 
ILE HG21 H N N 162 
ILE HG22 H N N 163 
ILE HG23 H N N 164 
ILE HD11 H N N 165 
ILE HD12 H N N 166 
ILE HD13 H N N 167 
ILE HXT  H N N 168 
LEU N    N N N 169 
LEU CA   C N S 170 
LEU C    C N N 171 
LEU O    O N N 172 
LEU CB   C N N 173 
LEU CG   C N N 174 
LEU CD1  C N N 175 
LEU CD2  C N N 176 
LEU OXT  O N N 177 
LEU H    H N N 178 
LEU H2   H N N 179 
LEU HA   H N N 180 
LEU HB2  H N N 181 
LEU HB3  H N N 182 
LEU HG   H N N 183 
LEU HD11 H N N 184 
LEU HD12 H N N 185 
LEU HD13 H N N 186 
LEU HD21 H N N 187 
LEU HD22 H N N 188 
LEU HD23 H N N 189 
LEU HXT  H N N 190 
LYS N    N N N 191 
LYS CA   C N S 192 
LYS C    C N N 193 
LYS O    O N N 194 
LYS CB   C N N 195 
LYS CG   C N N 196 
LYS CD   C N N 197 
LYS CE   C N N 198 
LYS NZ   N N N 199 
LYS OXT  O N N 200 
LYS H    H N N 201 
LYS H2   H N N 202 
LYS HA   H N N 203 
LYS HB2  H N N 204 
LYS HB3  H N N 205 
LYS HG2  H N N 206 
LYS HG3  H N N 207 
LYS HD2  H N N 208 
LYS HD3  H N N 209 
LYS HE2  H N N 210 
LYS HE3  H N N 211 
LYS HZ1  H N N 212 
LYS HZ2  H N N 213 
LYS HZ3  H N N 214 
LYS HXT  H N N 215 
MET N    N N N 216 
MET CA   C N S 217 
MET C    C N N 218 
MET O    O N N 219 
MET CB   C N N 220 
MET CG   C N N 221 
MET SD   S N N 222 
MET CE   C N N 223 
MET OXT  O N N 224 
MET H    H N N 225 
MET H2   H N N 226 
MET HA   H N N 227 
MET HB2  H N N 228 
MET HB3  H N N 229 
MET HG2  H N N 230 
MET HG3  H N N 231 
MET HE1  H N N 232 
MET HE2  H N N 233 
MET HE3  H N N 234 
MET HXT  H N N 235 
PHE N    N N N 236 
PHE CA   C N S 237 
PHE C    C N N 238 
PHE O    O N N 239 
PHE CB   C N N 240 
PHE CG   C Y N 241 
PHE CD1  C Y N 242 
PHE CD2  C Y N 243 
PHE CE1  C Y N 244 
PHE CE2  C Y N 245 
PHE CZ   C Y N 246 
PHE OXT  O N N 247 
PHE H    H N N 248 
PHE H2   H N N 249 
PHE HA   H N N 250 
PHE HB2  H N N 251 
PHE HB3  H N N 252 
PHE HD1  H N N 253 
PHE HD2  H N N 254 
PHE HE1  H N N 255 
PHE HE2  H N N 256 
PHE HZ   H N N 257 
PHE HXT  H N N 258 
PRO N    N N N 259 
PRO CA   C N S 260 
PRO C    C N N 261 
PRO O    O N N 262 
PRO CB   C N N 263 
PRO CG   C N N 264 
PRO CD   C N N 265 
PRO OXT  O N N 266 
PRO H    H N N 267 
PRO HA   H N N 268 
PRO HB2  H N N 269 
PRO HB3  H N N 270 
PRO HG2  H N N 271 
PRO HG3  H N N 272 
PRO HD2  H N N 273 
PRO HD3  H N N 274 
PRO HXT  H N N 275 
SER N    N N N 276 
SER CA   C N S 277 
SER C    C N N 278 
SER O    O N N 279 
SER CB   C N N 280 
SER OG   O N N 281 
SER OXT  O N N 282 
SER H    H N N 283 
SER H2   H N N 284 
SER HA   H N N 285 
SER HB2  H N N 286 
SER HB3  H N N 287 
SER HG   H N N 288 
SER HXT  H N N 289 
THR N    N N N 290 
THR CA   C N S 291 
THR C    C N N 292 
THR O    O N N 293 
THR CB   C N R 294 
THR OG1  O N N 295 
THR CG2  C N N 296 
THR OXT  O N N 297 
THR H    H N N 298 
THR H2   H N N 299 
THR HA   H N N 300 
THR HB   H N N 301 
THR HG1  H N N 302 
THR HG21 H N N 303 
THR HG22 H N N 304 
THR HG23 H N N 305 
THR HXT  H N N 306 
TRP N    N N N 307 
TRP CA   C N S 308 
TRP C    C N N 309 
TRP O    O N N 310 
TRP CB   C N N 311 
TRP CG   C Y N 312 
TRP CD1  C Y N 313 
TRP CD2  C Y N 314 
TRP NE1  N Y N 315 
TRP CE2  C Y N 316 
TRP CE3  C Y N 317 
TRP CZ2  C Y N 318 
TRP CZ3  C Y N 319 
TRP CH2  C Y N 320 
TRP OXT  O N N 321 
TRP H    H N N 322 
TRP H2   H N N 323 
TRP HA   H N N 324 
TRP HB2  H N N 325 
TRP HB3  H N N 326 
TRP HD1  H N N 327 
TRP HE1  H N N 328 
TRP HE3  H N N 329 
TRP HZ2  H N N 330 
TRP HZ3  H N N 331 
TRP HH2  H N N 332 
TRP HXT  H N N 333 
TYR N    N N N 334 
TYR CA   C N S 335 
TYR C    C N N 336 
TYR O    O N N 337 
TYR CB   C N N 338 
TYR CG   C Y N 339 
TYR CD1  C Y N 340 
TYR CD2  C Y N 341 
TYR CE1  C Y N 342 
TYR CE2  C Y N 343 
TYR CZ   C Y N 344 
TYR OH   O N N 345 
TYR OXT  O N N 346 
TYR H    H N N 347 
TYR H2   H N N 348 
TYR HA   H N N 349 
TYR HB2  H N N 350 
TYR HB3  H N N 351 
TYR HD1  H N N 352 
TYR HD2  H N N 353 
TYR HE1  H N N 354 
TYR HE2  H N N 355 
TYR HH   H N N 356 
TYR HXT  H N N 357 
VAL N    N N N 358 
VAL CA   C N S 359 
VAL C    C N N 360 
VAL O    O N N 361 
VAL CB   C N N 362 
VAL CG1  C N N 363 
VAL CG2  C N N 364 
VAL OXT  O N N 365 
VAL H    H N N 366 
VAL H2   H N N 367 
VAL HA   H N N 368 
VAL HB   H N N 369 
VAL HG11 H N N 370 
VAL HG12 H N N 371 
VAL HG13 H N N 372 
VAL HG21 H N N 373 
VAL HG22 H N N 374 
VAL HG23 H N N 375 
VAL HXT  H N N 376 
# 
loop_
_chem_comp_bond.comp_id 
_chem_comp_bond.atom_id_1 
_chem_comp_bond.atom_id_2 
_chem_comp_bond.value_order 
_chem_comp_bond.pdbx_aromatic_flag 
_chem_comp_bond.pdbx_stereo_config 
_chem_comp_bond.pdbx_ordinal 
ALA N   CA   sing N N 1   
ALA N   H    sing N N 2   
ALA N   H2   sing N N 3   
ALA CA  C    sing N N 4   
ALA CA  CB   sing N N 5   
ALA CA  HA   sing N N 6   
ALA C   O    doub N N 7   
ALA C   OXT  sing N N 8   
ALA CB  HB1  sing N N 9   
ALA CB  HB2  sing N N 10  
ALA CB  HB3  sing N N 11  
ALA OXT HXT  sing N N 12  
ARG N   CA   sing N N 13  
ARG N   H    sing N N 14  
ARG N   H2   sing N N 15  
ARG CA  C    sing N N 16  
ARG CA  CB   sing N N 17  
ARG CA  HA   sing N N 18  
ARG C   O    doub N N 19  
ARG C   OXT  sing N N 20  
ARG CB  CG   sing N N 21  
ARG CB  HB2  sing N N 22  
ARG CB  HB3  sing N N 23  
ARG CG  CD   sing N N 24  
ARG CG  HG2  sing N N 25  
ARG CG  HG3  sing N N 26  
ARG CD  NE   sing N N 27  
ARG CD  HD2  sing N N 28  
ARG CD  HD3  sing N N 29  
ARG NE  CZ   sing N N 30  
ARG NE  HE   sing N N 31  
ARG CZ  NH1  sing N N 32  
ARG CZ  NH2  doub N N 33  
ARG NH1 HH11 sing N N 34  
ARG NH1 HH12 sing N N 35  
ARG NH2 HH21 sing N N 36  
ARG NH2 HH22 sing N N 37  
ARG OXT HXT  sing N N 38  
ASN N   CA   sing N N 39  
ASN N   H    sing N N 40  
ASN N   H2   sing N N 41  
ASN CA  C    sing N N 42  
ASN CA  CB   sing N N 43  
ASN CA  HA   sing N N 44  
ASN C   O    doub N N 45  
ASN C   OXT  sing N N 46  
ASN CB  CG   sing N N 47  
ASN CB  HB2  sing N N 48  
ASN CB  HB3  sing N N 49  
ASN CG  OD1  doub N N 50  
ASN CG  ND2  sing N N 51  
ASN ND2 HD21 sing N N 52  
ASN ND2 HD22 sing N N 53  
ASN OXT HXT  sing N N 54  
ASP N   CA   sing N N 55  
ASP N   H    sing N N 56  
ASP N   H2   sing N N 57  
ASP CA  C    sing N N 58  
ASP CA  CB   sing N N 59  
ASP CA  HA   sing N N 60  
ASP C   O    doub N N 61  
ASP C   OXT  sing N N 62  
ASP CB  CG   sing N N 63  
ASP CB  HB2  sing N N 64  
ASP CB  HB3  sing N N 65  
ASP CG  OD1  doub N N 66  
ASP CG  OD2  sing N N 67  
ASP OD2 HD2  sing N N 68  
ASP OXT HXT  sing N N 69  
GLN N   CA   sing N N 70  
GLN N   H    sing N N 71  
GLN N   H2   sing N N 72  
GLN CA  C    sing N N 73  
GLN CA  CB   sing N N 74  
GLN CA  HA   sing N N 75  
GLN C   O    doub N N 76  
GLN C   OXT  sing N N 77  
GLN CB  CG   sing N N 78  
GLN CB  HB2  sing N N 79  
GLN CB  HB3  sing N N 80  
GLN CG  CD   sing N N 81  
GLN CG  HG2  sing N N 82  
GLN CG  HG3  sing N N 83  
GLN CD  OE1  doub N N 84  
GLN CD  NE2  sing N N 85  
GLN NE2 HE21 sing N N 86  
GLN NE2 HE22 sing N N 87  
GLN OXT HXT  sing N N 88  
GLU N   CA   sing N N 89  
GLU N   H    sing N N 90  
GLU N   H2   sing N N 91  
GLU CA  C    sing N N 92  
GLU CA  CB   sing N N 93  
GLU CA  HA   sing N N 94  
GLU C   O    doub N N 95  
GLU C   OXT  sing N N 96  
GLU CB  CG   sing N N 97  
GLU CB  HB2  sing N N 98  
GLU CB  HB3  sing N N 99  
GLU CG  CD   sing N N 100 
GLU CG  HG2  sing N N 101 
GLU CG  HG3  sing N N 102 
GLU CD  OE1  doub N N 103 
GLU CD  OE2  sing N N 104 
GLU OE2 HE2  sing N N 105 
GLU OXT HXT  sing N N 106 
GLY N   CA   sing N N 107 
GLY N   H    sing N N 108 
GLY N   H2   sing N N 109 
GLY CA  C    sing N N 110 
GLY CA  HA2  sing N N 111 
GLY CA  HA3  sing N N 112 
GLY C   O    doub N N 113 
GLY C   OXT  sing N N 114 
GLY OXT HXT  sing N N 115 
HIS N   CA   sing N N 116 
HIS N   H    sing N N 117 
HIS N   H2   sing N N 118 
HIS CA  C    sing N N 119 
HIS CA  CB   sing N N 120 
HIS CA  HA   sing N N 121 
HIS C   O    doub N N 122 
HIS C   OXT  sing N N 123 
HIS CB  CG   sing N N 124 
HIS CB  HB2  sing N N 125 
HIS CB  HB3  sing N N 126 
HIS CG  ND1  sing Y N 127 
HIS CG  CD2  doub Y N 128 
HIS ND1 CE1  doub Y N 129 
HIS ND1 HD1  sing N N 130 
HIS CD2 NE2  sing Y N 131 
HIS CD2 HD2  sing N N 132 
HIS CE1 NE2  sing Y N 133 
HIS CE1 HE1  sing N N 134 
HIS NE2 HE2  sing N N 135 
HIS OXT HXT  sing N N 136 
HOH O   H1   sing N N 137 
HOH O   H2   sing N N 138 
ILE N   CA   sing N N 139 
ILE N   H    sing N N 140 
ILE N   H2   sing N N 141 
ILE CA  C    sing N N 142 
ILE CA  CB   sing N N 143 
ILE CA  HA   sing N N 144 
ILE C   O    doub N N 145 
ILE C   OXT  sing N N 146 
ILE CB  CG1  sing N N 147 
ILE CB  CG2  sing N N 148 
ILE CB  HB   sing N N 149 
ILE CG1 CD1  sing N N 150 
ILE CG1 HG12 sing N N 151 
ILE CG1 HG13 sing N N 152 
ILE CG2 HG21 sing N N 153 
ILE CG2 HG22 sing N N 154 
ILE CG2 HG23 sing N N 155 
ILE CD1 HD11 sing N N 156 
ILE CD1 HD12 sing N N 157 
ILE CD1 HD13 sing N N 158 
ILE OXT HXT  sing N N 159 
LEU N   CA   sing N N 160 
LEU N   H    sing N N 161 
LEU N   H2   sing N N 162 
LEU CA  C    sing N N 163 
LEU CA  CB   sing N N 164 
LEU CA  HA   sing N N 165 
LEU C   O    doub N N 166 
LEU C   OXT  sing N N 167 
LEU CB  CG   sing N N 168 
LEU CB  HB2  sing N N 169 
LEU CB  HB3  sing N N 170 
LEU CG  CD1  sing N N 171 
LEU CG  CD2  sing N N 172 
LEU CG  HG   sing N N 173 
LEU CD1 HD11 sing N N 174 
LEU CD1 HD12 sing N N 175 
LEU CD1 HD13 sing N N 176 
LEU CD2 HD21 sing N N 177 
LEU CD2 HD22 sing N N 178 
LEU CD2 HD23 sing N N 179 
LEU OXT HXT  sing N N 180 
LYS N   CA   sing N N 181 
LYS N   H    sing N N 182 
LYS N   H2   sing N N 183 
LYS CA  C    sing N N 184 
LYS CA  CB   sing N N 185 
LYS CA  HA   sing N N 186 
LYS C   O    doub N N 187 
LYS C   OXT  sing N N 188 
LYS CB  CG   sing N N 189 
LYS CB  HB2  sing N N 190 
LYS CB  HB3  sing N N 191 
LYS CG  CD   sing N N 192 
LYS CG  HG2  sing N N 193 
LYS CG  HG3  sing N N 194 
LYS CD  CE   sing N N 195 
LYS CD  HD2  sing N N 196 
LYS CD  HD3  sing N N 197 
LYS CE  NZ   sing N N 198 
LYS CE  HE2  sing N N 199 
LYS CE  HE3  sing N N 200 
LYS NZ  HZ1  sing N N 201 
LYS NZ  HZ2  sing N N 202 
LYS NZ  HZ3  sing N N 203 
LYS OXT HXT  sing N N 204 
MET N   CA   sing N N 205 
MET N   H    sing N N 206 
MET N   H2   sing N N 207 
MET CA  C    sing N N 208 
MET CA  CB   sing N N 209 
MET CA  HA   sing N N 210 
MET C   O    doub N N 211 
MET C   OXT  sing N N 212 
MET CB  CG   sing N N 213 
MET CB  HB2  sing N N 214 
MET CB  HB3  sing N N 215 
MET CG  SD   sing N N 216 
MET CG  HG2  sing N N 217 
MET CG  HG3  sing N N 218 
MET SD  CE   sing N N 219 
MET CE  HE1  sing N N 220 
MET CE  HE2  sing N N 221 
MET CE  HE3  sing N N 222 
MET OXT HXT  sing N N 223 
PHE N   CA   sing N N 224 
PHE N   H    sing N N 225 
PHE N   H2   sing N N 226 
PHE CA  C    sing N N 227 
PHE CA  CB   sing N N 228 
PHE CA  HA   sing N N 229 
PHE C   O    doub N N 230 
PHE C   OXT  sing N N 231 
PHE CB  CG   sing N N 232 
PHE CB  HB2  sing N N 233 
PHE CB  HB3  sing N N 234 
PHE CG  CD1  doub Y N 235 
PHE CG  CD2  sing Y N 236 
PHE CD1 CE1  sing Y N 237 
PHE CD1 HD1  sing N N 238 
PHE CD2 CE2  doub Y N 239 
PHE CD2 HD2  sing N N 240 
PHE CE1 CZ   doub Y N 241 
PHE CE1 HE1  sing N N 242 
PHE CE2 CZ   sing Y N 243 
PHE CE2 HE2  sing N N 244 
PHE CZ  HZ   sing N N 245 
PHE OXT HXT  sing N N 246 
PRO N   CA   sing N N 247 
PRO N   CD   sing N N 248 
PRO N   H    sing N N 249 
PRO CA  C    sing N N 250 
PRO CA  CB   sing N N 251 
PRO CA  HA   sing N N 252 
PRO C   O    doub N N 253 
PRO C   OXT  sing N N 254 
PRO CB  CG   sing N N 255 
PRO CB  HB2  sing N N 256 
PRO CB  HB3  sing N N 257 
PRO CG  CD   sing N N 258 
PRO CG  HG2  sing N N 259 
PRO CG  HG3  sing N N 260 
PRO CD  HD2  sing N N 261 
PRO CD  HD3  sing N N 262 
PRO OXT HXT  sing N N 263 
SER N   CA   sing N N 264 
SER N   H    sing N N 265 
SER N   H2   sing N N 266 
SER CA  C    sing N N 267 
SER CA  CB   sing N N 268 
SER CA  HA   sing N N 269 
SER C   O    doub N N 270 
SER C   OXT  sing N N 271 
SER CB  OG   sing N N 272 
SER CB  HB2  sing N N 273 
SER CB  HB3  sing N N 274 
SER OG  HG   sing N N 275 
SER OXT HXT  sing N N 276 
THR N   CA   sing N N 277 
THR N   H    sing N N 278 
THR N   H2   sing N N 279 
THR CA  C    sing N N 280 
THR CA  CB   sing N N 281 
THR CA  HA   sing N N 282 
THR C   O    doub N N 283 
THR C   OXT  sing N N 284 
THR CB  OG1  sing N N 285 
THR CB  CG2  sing N N 286 
THR CB  HB   sing N N 287 
THR OG1 HG1  sing N N 288 
THR CG2 HG21 sing N N 289 
THR CG2 HG22 sing N N 290 
THR CG2 HG23 sing N N 291 
THR OXT HXT  sing N N 292 
TRP N   CA   sing N N 293 
TRP N   H    sing N N 294 
TRP N   H2   sing N N 295 
TRP CA  C    sing N N 296 
TRP CA  CB   sing N N 297 
TRP CA  HA   sing N N 298 
TRP C   O    doub N N 299 
TRP C   OXT  sing N N 300 
TRP CB  CG   sing N N 301 
TRP CB  HB2  sing N N 302 
TRP CB  HB3  sing N N 303 
TRP CG  CD1  doub Y N 304 
TRP CG  CD2  sing Y N 305 
TRP CD1 NE1  sing Y N 306 
TRP CD1 HD1  sing N N 307 
TRP CD2 CE2  doub Y N 308 
TRP CD2 CE3  sing Y N 309 
TRP NE1 CE2  sing Y N 310 
TRP NE1 HE1  sing N N 311 
TRP CE2 CZ2  sing Y N 312 
TRP CE3 CZ3  doub Y N 313 
TRP CE3 HE3  sing N N 314 
TRP CZ2 CH2  doub Y N 315 
TRP CZ2 HZ2  sing N N 316 
TRP CZ3 CH2  sing Y N 317 
TRP CZ3 HZ3  sing N N 318 
TRP CH2 HH2  sing N N 319 
TRP OXT HXT  sing N N 320 
TYR N   CA   sing N N 321 
TYR N   H    sing N N 322 
TYR N   H2   sing N N 323 
TYR CA  C    sing N N 324 
TYR CA  CB   sing N N 325 
TYR CA  HA   sing N N 326 
TYR C   O    doub N N 327 
TYR C   OXT  sing N N 328 
TYR CB  CG   sing N N 329 
TYR CB  HB2  sing N N 330 
TYR CB  HB3  sing N N 331 
TYR CG  CD1  doub Y N 332 
TYR CG  CD2  sing Y N 333 
TYR CD1 CE1  sing Y N 334 
TYR CD1 HD1  sing N N 335 
TYR CD2 CE2  doub Y N 336 
TYR CD2 HD2  sing N N 337 
TYR CE1 CZ   doub Y N 338 
TYR CE1 HE1  sing N N 339 
TYR CE2 CZ   sing Y N 340 
TYR CE2 HE2  sing N N 341 
TYR CZ  OH   sing N N 342 
TYR OH  HH   sing N N 343 
TYR OXT HXT  sing N N 344 
VAL N   CA   sing N N 345 
VAL N   H    sing N N 346 
VAL N   H2   sing N N 347 
VAL CA  C    sing N N 348 
VAL CA  CB   sing N N 349 
VAL CA  HA   sing N N 350 
VAL C   O    doub N N 351 
VAL C   OXT  sing N N 352 
VAL CB  CG1  sing N N 353 
VAL CB  CG2  sing N N 354 
VAL CB  HB   sing N N 355 
VAL CG1 HG11 sing N N 356 
VAL CG1 HG12 sing N N 357 
VAL CG1 HG13 sing N N 358 
VAL CG2 HG21 sing N N 359 
VAL CG2 HG22 sing N N 360 
VAL CG2 HG23 sing N N 361 
VAL OXT HXT  sing N N 362 
# 
_pdbx_entity_nonpoly.entity_id   2 
_pdbx_entity_nonpoly.name        water 
_pdbx_entity_nonpoly.comp_id     HOH 
# 
_pdbx_initial_refinement_model.id               1 
_pdbx_initial_refinement_model.entity_id_list   ? 
_pdbx_initial_refinement_model.type             'experimental model' 
_pdbx_initial_refinement_model.source_name      PDB 
_pdbx_initial_refinement_model.accession_code   1VCS 
_pdbx_initial_refinement_model.details          'PDB ENTRY 1vcs' 
# 
